data_5WPI
#
_entry.id   5WPI
#
_cell.length_a   127.543
_cell.length_b   127.543
_cell.length_c   92.229
_cell.angle_alpha   90.00
_cell.angle_beta   90.00
_cell.angle_gamma   120.00
#
_symmetry.space_group_name_H-M   'P 32 2 1'
#
loop_
_entity.id
_entity.type
_entity.pdbx_description
1 polymer HsvA
2 non-polymer 1,2-ETHANEDIOL
3 water water
#
_entity_poly.entity_id   1
_entity_poly.type   'polypeptide(L)'
_entity_poly.pdbx_seq_one_letter_code
;MGSSHHHHHHSSGENLYFQGHMHYQKEEPSYFSHSPSPVEVYTEWDPLEEVIVGIMDDIRVPDWDKSLKAIIPEENHDFF
QTYSGKRFPEELLIKARQEVETLAQILQAEGIRVKRPNESNHHQPIMTPHFTTGGTFYSAMPRDCLFAIGKKIIEVPMSW
RSRYFETFAFRDILNDYFTRGAEWIAAPKPMLSDDVWEKDFDFEQEFPFRSIITEVEPLFDAADFMKMGRDIIGQRSHAT
NKKGIEWLRRTLGPDYHIHIYEFDEPAPMHIDTTILPLAPGRVLINKGWVPQIPDIFKDWEILNPPASNLPDDHPLYMSS
NWIHTNVLMLDEKTVIVEEDEEALISAFRQWGFKTILCPFKHFQTFGGSFHCATLDVKRSGSLKSYI
;
_entity_poly.pdbx_strand_id   A,B
#
loop_
_chem_comp.id
_chem_comp.type
_chem_comp.name
_chem_comp.formula
EDO non-polymer 1,2-ETHANEDIOL 'C2 H6 O2'
#
# COMPACT_ATOMS: atom_id res chain seq x y z
N TYR A 24 0.95 34.04 17.76
CA TYR A 24 0.91 33.15 16.62
C TYR A 24 1.74 31.89 16.89
N GLN A 25 1.27 30.75 16.38
CA GLN A 25 1.86 29.45 16.69
C GLN A 25 2.85 29.01 15.62
N LYS A 26 4.01 28.51 16.04
CA LYS A 26 5.01 27.99 15.12
C LYS A 26 4.78 26.52 14.88
N GLU A 27 5.16 26.04 13.69
CA GLU A 27 4.89 24.67 13.31
C GLU A 27 5.79 23.71 14.09
N GLU A 28 5.42 22.41 14.07
CA GLU A 28 6.22 21.45 14.82
C GLU A 28 7.45 21.04 14.01
N PRO A 29 8.61 20.91 14.66
CA PRO A 29 9.79 20.42 13.93
C PRO A 29 9.60 18.96 13.53
N SER A 30 10.46 18.54 12.61
CA SER A 30 10.36 17.19 12.08
C SER A 30 10.58 16.17 13.20
N TYR A 31 9.97 15.00 13.04
CA TYR A 31 10.05 13.97 14.07
C TYR A 31 11.22 13.02 13.88
N PHE A 32 11.78 12.95 12.68
CA PHE A 32 12.95 12.13 12.36
C PHE A 32 14.16 13.05 12.17
N SER A 33 15.33 12.51 12.48
CA SER A 33 16.60 13.18 12.19
C SER A 33 17.05 12.89 10.76
N HIS A 34 17.95 13.73 10.25
CA HIS A 34 18.43 13.65 8.88
C HIS A 34 19.43 12.52 8.75
N SER A 35 19.08 11.48 8.01
CA SER A 35 19.88 10.27 7.93
C SER A 35 19.83 9.70 6.52
N PRO A 36 20.96 9.22 5.98
CA PRO A 36 20.93 8.63 4.64
C PRO A 36 20.21 7.29 4.64
N SER A 37 19.54 7.00 3.53
CA SER A 37 18.72 5.80 3.45
C SER A 37 19.59 4.56 3.57
N PRO A 38 19.24 3.61 4.45
CA PRO A 38 19.95 2.34 4.45
C PRO A 38 19.61 1.48 3.25
N VAL A 39 18.52 1.80 2.56
CA VAL A 39 18.18 1.19 1.29
C VAL A 39 18.77 2.02 0.16
N GLU A 40 19.64 1.41 -0.64
CA GLU A 40 20.15 2.04 -1.84
C GLU A 40 20.86 1.02 -2.72
N VAL A 41 20.20 0.64 -3.82
CA VAL A 41 20.69 -0.41 -4.70
C VAL A 41 20.14 -0.17 -6.10
N TYR A 42 21.00 -0.31 -7.11
CA TYR A 42 20.58 -0.07 -8.49
C TYR A 42 20.80 -1.25 -9.43
N THR A 43 21.63 -2.22 -9.06
CA THR A 43 21.97 -3.31 -9.96
C THR A 43 21.93 -4.61 -9.17
N GLU A 44 22.11 -5.73 -9.88
CA GLU A 44 22.18 -7.05 -9.26
C GLU A 44 23.60 -7.44 -8.87
N TRP A 45 24.60 -6.62 -9.20
CA TRP A 45 25.99 -7.05 -9.12
C TRP A 45 26.92 -6.12 -8.35
N ASP A 46 26.49 -4.92 -7.98
CA ASP A 46 27.39 -4.02 -7.28
C ASP A 46 27.73 -4.61 -5.91
N PRO A 47 28.88 -4.23 -5.32
CA PRO A 47 29.30 -4.86 -4.07
C PRO A 47 28.23 -4.82 -2.98
N LEU A 48 27.85 -5.99 -2.47
CA LEU A 48 26.70 -6.13 -1.59
C LEU A 48 27.07 -5.69 -0.18
N GLU A 49 26.24 -4.82 0.43
CA GLU A 49 26.51 -4.30 1.77
C GLU A 49 25.49 -4.74 2.80
N GLU A 50 24.22 -4.82 2.42
CA GLU A 50 23.17 -5.28 3.30
C GLU A 50 22.19 -6.10 2.49
N VAL A 51 21.74 -7.22 3.08
CA VAL A 51 20.82 -8.14 2.43
C VAL A 51 19.84 -8.68 3.46
N ILE A 52 18.58 -8.83 3.06
CA ILE A 52 17.60 -9.57 3.84
C ILE A 52 17.69 -11.04 3.42
N VAL A 53 17.57 -11.95 4.39
CA VAL A 53 17.65 -13.39 4.13
C VAL A 53 16.45 -14.06 4.80
N GLY A 54 15.66 -14.82 4.02
CA GLY A 54 14.46 -15.46 4.54
C GLY A 54 14.77 -16.49 5.63
N ILE A 55 13.70 -16.97 6.24
CA ILE A 55 13.76 -18.02 7.26
C ILE A 55 12.79 -19.13 6.87
N MET A 56 12.95 -20.26 7.49
CA MET A 56 12.03 -21.33 7.36
C MET A 56 11.55 -21.65 8.74
N ASP A 57 10.33 -21.28 9.06
CA ASP A 57 9.78 -21.57 10.35
C ASP A 57 8.64 -22.56 10.12
N ASP A 58 7.70 -22.68 11.04
CA ASP A 58 6.59 -23.60 10.86
C ASP A 58 5.63 -23.23 9.75
N ILE A 59 6.05 -23.46 8.53
CA ILE A 59 5.31 -23.07 7.35
C ILE A 59 4.05 -23.82 7.07
N ARG A 60 3.28 -23.31 6.16
CA ARG A 60 2.01 -23.94 5.84
C ARG A 60 1.91 -24.20 4.34
N VAL A 61 1.41 -25.38 3.99
CA VAL A 61 1.07 -25.67 2.60
C VAL A 61 -0.12 -24.79 2.24
N PRO A 62 -0.02 -23.95 1.21
CA PRO A 62 -1.17 -23.10 0.85
C PRO A 62 -2.39 -23.91 0.47
N ASP A 63 -3.56 -23.28 0.63
CA ASP A 63 -4.80 -23.89 0.19
C ASP A 63 -4.80 -24.04 -1.31
N TRP A 64 -5.13 -25.24 -1.78
CA TRP A 64 -5.14 -25.52 -3.21
C TRP A 64 -6.16 -24.65 -3.93
N ASP A 65 -5.71 -23.92 -4.95
CA ASP A 65 -6.61 -23.13 -5.79
C ASP A 65 -5.99 -22.99 -7.18
N LYS A 66 -6.58 -22.11 -7.97
CA LYS A 66 -6.18 -22.00 -9.37
C LYS A 66 -4.81 -21.34 -9.51
N SER A 67 -4.43 -20.46 -8.59
CA SER A 67 -3.08 -19.91 -8.63
C SER A 67 -2.05 -21.04 -8.55
N LEU A 68 -2.25 -21.99 -7.62
CA LEU A 68 -1.31 -23.09 -7.47
C LEU A 68 -1.43 -24.06 -8.63
N LYS A 69 -2.67 -24.38 -9.04
CA LYS A 69 -2.93 -25.35 -10.10
C LYS A 69 -2.23 -24.97 -11.40
N ALA A 70 -2.16 -23.67 -11.71
CA ALA A 70 -1.55 -23.21 -12.95
C ALA A 70 -0.04 -23.23 -12.91
N ILE A 71 0.57 -23.20 -11.72
CA ILE A 71 1.98 -22.92 -11.58
C ILE A 71 2.78 -24.14 -11.16
N ILE A 72 2.21 -24.99 -10.32
CA ILE A 72 2.93 -26.10 -9.70
C ILE A 72 3.14 -27.25 -10.67
N PRO A 73 4.32 -27.88 -10.69
CA PRO A 73 4.55 -29.01 -11.61
C PRO A 73 3.49 -30.08 -11.50
N GLU A 74 3.05 -30.58 -12.66
CA GLU A 74 2.00 -31.57 -12.71
C GLU A 74 2.25 -32.74 -11.77
N GLU A 75 3.51 -33.18 -11.66
CA GLU A 75 3.82 -34.35 -10.84
C GLU A 75 3.56 -34.14 -9.35
N ASN A 76 3.49 -32.89 -8.88
CA ASN A 76 3.29 -32.61 -7.46
C ASN A 76 1.84 -32.33 -7.08
N HIS A 77 0.91 -32.39 -8.04
CA HIS A 77 -0.46 -31.98 -7.75
C HIS A 77 -1.08 -32.87 -6.68
N ASP A 78 -0.80 -34.17 -6.74
CA ASP A 78 -1.37 -35.08 -5.75
C ASP A 78 -0.92 -34.71 -4.34
N PHE A 79 0.34 -34.28 -4.19
CA PHE A 79 0.84 -33.89 -2.87
C PHE A 79 0.12 -32.65 -2.36
N PHE A 80 0.05 -31.59 -3.17
CA PHE A 80 -0.53 -30.33 -2.73
C PHE A 80 -2.03 -30.43 -2.52
N GLN A 81 -2.71 -31.28 -3.29
CA GLN A 81 -4.13 -31.53 -3.01
C GLN A 81 -4.29 -32.29 -1.70
N THR A 82 -3.39 -33.25 -1.44
CA THR A 82 -3.50 -34.04 -0.20
C THR A 82 -3.17 -33.23 1.03
N TYR A 83 -2.17 -32.35 0.95
CA TYR A 83 -1.72 -31.59 2.10
C TYR A 83 -2.16 -30.13 2.08
N SER A 84 -3.20 -29.79 1.34
CA SER A 84 -3.64 -28.42 1.28
C SER A 84 -4.00 -27.91 2.65
N GLY A 85 -3.41 -26.79 3.01
CA GLY A 85 -3.66 -26.18 4.29
C GLY A 85 -3.01 -26.84 5.47
N LYS A 86 -2.17 -27.82 5.21
CA LYS A 86 -1.45 -28.59 6.26
C LYS A 86 0.05 -28.42 6.05
N ARG A 87 0.86 -29.11 6.83
CA ARG A 87 2.33 -29.03 6.73
C ARG A 87 3.14 -29.86 5.77
N PHE A 88 4.31 -29.39 5.40
CA PHE A 88 5.23 -30.14 4.55
C PHE A 88 5.95 -31.19 5.39
N PRO A 89 6.51 -32.22 4.76
CA PRO A 89 7.27 -33.24 5.50
C PRO A 89 8.34 -32.65 6.39
N GLU A 90 8.33 -33.05 7.67
CA GLU A 90 9.22 -32.45 8.66
C GLU A 90 10.68 -32.67 8.31
N GLU A 91 11.02 -33.83 7.72
CA GLU A 91 12.44 -34.13 7.46
C GLU A 91 12.99 -33.21 6.37
N LEU A 92 12.19 -32.90 5.34
CA LEU A 92 12.66 -31.99 4.29
C LEU A 92 12.78 -30.57 4.81
N LEU A 93 11.87 -30.16 5.68
CA LEU A 93 11.90 -28.82 6.26
C LEU A 93 13.14 -28.62 7.14
N ILE A 94 13.44 -29.59 7.99
CA ILE A 94 14.60 -29.49 8.85
C ILE A 94 15.85 -29.28 8.03
N LYS A 95 15.94 -29.96 6.87
CA LYS A 95 17.10 -29.78 6.00
C LYS A 95 17.07 -28.44 5.28
N ALA A 96 15.90 -27.97 4.86
CA ALA A 96 15.82 -26.63 4.26
C ALA A 96 16.22 -25.55 5.26
N ARG A 97 15.83 -25.72 6.53
CA ARG A 97 16.15 -24.77 7.58
C ARG A 97 17.66 -24.68 7.78
N GLN A 98 18.33 -25.82 7.89
CA GLN A 98 19.77 -25.77 8.11
C GLN A 98 20.47 -25.14 6.92
N GLU A 99 19.90 -25.26 5.72
CA GLU A 99 20.62 -24.76 4.56
C GLU A 99 20.54 -23.24 4.48
N VAL A 100 19.40 -22.65 4.83
CA VAL A 100 19.32 -21.20 4.78
C VAL A 100 20.07 -20.56 5.95
N GLU A 101 20.19 -21.25 7.10
CA GLU A 101 21.02 -20.72 8.19
C GLU A 101 22.49 -20.74 7.82
N THR A 102 22.92 -21.78 7.11
CA THR A 102 24.28 -21.83 6.58
C THR A 102 24.54 -20.68 5.62
N LEU A 103 23.56 -20.37 4.74
CA LEU A 103 23.71 -19.27 3.79
C LEU A 103 23.87 -17.95 4.53
N ALA A 104 23.01 -17.70 5.52
CA ALA A 104 23.11 -16.46 6.31
C ALA A 104 24.45 -16.36 7.04
N GLN A 105 24.95 -17.48 7.58
CA GLN A 105 26.28 -17.49 8.18
C GLN A 105 27.37 -17.21 7.17
N ILE A 106 27.19 -17.63 5.92
CA ILE A 106 28.23 -17.36 4.94
C ILE A 106 28.21 -15.89 4.55
N LEU A 107 27.01 -15.30 4.41
CA LEU A 107 26.94 -13.88 4.09
C LEU A 107 27.54 -13.02 5.21
N GLN A 108 27.21 -13.34 6.47
CA GLN A 108 27.83 -12.65 7.59
C GLN A 108 29.36 -12.71 7.50
N ALA A 109 29.91 -13.88 7.16
CA ALA A 109 31.35 -14.04 7.09
C ALA A 109 31.97 -13.19 5.98
N GLU A 110 31.21 -12.88 4.93
CA GLU A 110 31.73 -12.02 3.85
C GLU A 110 31.62 -10.53 4.16
N GLY A 111 31.23 -10.15 5.37
CA GLY A 111 31.19 -8.76 5.79
C GLY A 111 29.88 -8.06 5.56
N ILE A 112 28.86 -8.77 5.12
CA ILE A 112 27.61 -8.16 4.67
C ILE A 112 26.67 -8.08 5.86
N ARG A 113 25.98 -6.95 6.01
CA ARG A 113 24.95 -6.87 7.05
C ARG A 113 23.76 -7.72 6.63
N VAL A 114 23.28 -8.57 7.54
CA VAL A 114 22.18 -9.50 7.26
C VAL A 114 21.04 -9.20 8.20
N LYS A 115 19.84 -9.05 7.65
CA LYS A 115 18.59 -8.99 8.40
C LYS A 115 17.75 -10.23 8.07
N ARG A 116 16.98 -10.70 9.06
CA ARG A 116 16.08 -11.86 8.97
C ARG A 116 14.68 -11.46 9.41
N PRO A 117 13.64 -11.97 8.76
CA PRO A 117 12.27 -11.74 9.23
C PRO A 117 12.01 -12.45 10.55
N ASN A 118 10.91 -12.06 11.20
CA ASN A 118 10.48 -12.71 12.43
C ASN A 118 9.74 -14.01 12.14
N GLU A 119 9.70 -14.88 13.16
CA GLU A 119 8.78 -16.01 13.13
C GLU A 119 7.33 -15.50 13.20
N SER A 120 6.41 -16.31 12.70
CA SER A 120 5.00 -15.92 12.75
C SER A 120 4.14 -17.16 12.74
N ASN A 121 2.86 -16.96 13.00
CA ASN A 121 1.90 -18.05 13.07
C ASN A 121 1.27 -18.22 11.70
N HIS A 122 1.80 -19.13 10.89
CA HIS A 122 1.24 -19.33 9.56
C HIS A 122 -0.07 -20.12 9.55
N HIS A 123 -0.52 -20.64 10.69
CA HIS A 123 -1.63 -21.59 10.73
C HIS A 123 -2.78 -20.99 11.55
N GLN A 124 -3.42 -19.99 11.00
CA GLN A 124 -4.59 -19.43 11.66
C GLN A 124 -5.56 -18.99 10.57
N PRO A 125 -6.86 -19.03 10.84
CA PRO A 125 -7.81 -18.67 9.79
C PRO A 125 -7.75 -17.18 9.45
N ILE A 126 -7.90 -16.91 8.14
CA ILE A 126 -7.81 -15.58 7.57
C ILE A 126 -9.10 -15.33 6.80
N MET A 127 -9.75 -14.18 7.05
CA MET A 127 -11.01 -13.86 6.39
C MET A 127 -11.00 -12.40 5.98
N THR A 128 -11.18 -12.14 4.69
CA THR A 128 -11.20 -10.83 4.08
C THR A 128 -12.49 -10.69 3.28
N PRO A 129 -12.82 -9.50 2.77
CA PRO A 129 -14.13 -9.35 2.13
C PRO A 129 -14.39 -10.32 0.98
N HIS A 130 -13.35 -10.77 0.25
CA HIS A 130 -13.60 -11.59 -0.93
C HIS A 130 -12.87 -12.93 -0.96
N PHE A 131 -12.17 -13.33 0.11
CA PHE A 131 -11.64 -14.68 0.18
C PHE A 131 -11.36 -15.04 1.63
N THR A 132 -11.12 -16.33 1.86
CA THR A 132 -10.63 -16.84 3.12
C THR A 132 -9.52 -17.83 2.85
N THR A 133 -8.58 -17.93 3.80
CA THR A 133 -7.52 -18.94 3.75
C THR A 133 -7.38 -19.56 5.13
N GLY A 134 -6.64 -20.65 5.17
CA GLY A 134 -6.23 -21.26 6.41
C GLY A 134 -5.00 -20.68 7.05
N GLY A 135 -4.43 -19.61 6.48
CA GLY A 135 -3.27 -18.96 7.08
C GLY A 135 -2.45 -18.24 6.03
N THR A 136 -1.14 -18.17 6.28
CA THR A 136 -0.18 -17.59 5.37
C THR A 136 0.61 -18.73 4.70
N PHE A 137 1.79 -18.41 4.16
CA PHE A 137 2.59 -19.41 3.45
C PHE A 137 3.96 -19.53 4.12
N TYR A 138 4.94 -18.73 3.71
CA TYR A 138 6.23 -18.74 4.40
C TYR A 138 6.91 -17.39 4.29
N SER A 139 8.02 -17.26 5.02
CA SER A 139 8.85 -16.07 5.07
C SER A 139 10.22 -16.31 4.44
N ALA A 140 10.28 -17.28 3.52
CA ALA A 140 11.55 -17.76 2.99
C ALA A 140 12.02 -16.99 1.76
N MET A 141 11.12 -16.37 1.00
CA MET A 141 11.47 -15.78 -0.29
C MET A 141 11.18 -14.28 -0.25
N PRO A 142 12.03 -13.50 0.43
CA PRO A 142 11.82 -12.05 0.47
C PRO A 142 11.88 -11.43 -0.90
N ARG A 143 12.47 -12.10 -1.88
CA ARG A 143 12.54 -11.50 -3.19
C ARG A 143 11.19 -11.50 -3.91
N ASP A 144 10.24 -12.32 -3.46
CA ASP A 144 8.95 -12.36 -4.14
C ASP A 144 8.07 -11.20 -3.72
N CYS A 145 8.16 -10.79 -2.46
CA CYS A 145 7.18 -9.88 -1.90
C CYS A 145 7.68 -8.46 -1.71
N LEU A 146 8.99 -8.22 -1.83
CA LEU A 146 9.57 -6.89 -1.70
C LEU A 146 10.37 -6.55 -2.95
N PHE A 147 10.23 -5.32 -3.43
CA PHE A 147 11.05 -4.80 -4.52
C PHE A 147 11.80 -3.57 -4.03
N ALA A 148 13.11 -3.54 -4.27
CA ALA A 148 13.95 -2.46 -3.76
C ALA A 148 14.83 -1.94 -4.90
N ILE A 149 14.75 -0.64 -5.17
CA ILE A 149 15.63 0.01 -6.13
C ILE A 149 15.69 1.50 -5.76
N GLY A 150 16.83 2.12 -6.05
CA GLY A 150 17.11 3.39 -5.40
C GLY A 150 16.94 3.26 -3.89
N LYS A 151 16.27 4.24 -3.29
CA LYS A 151 15.96 4.28 -1.87
C LYS A 151 14.54 3.81 -1.58
N LYS A 152 13.85 3.24 -2.57
CA LYS A 152 12.49 2.73 -2.41
C LYS A 152 12.52 1.25 -2.06
N ILE A 153 11.65 0.86 -1.13
CA ILE A 153 11.39 -0.54 -0.88
C ILE A 153 9.88 -0.72 -0.90
N ILE A 154 9.39 -1.57 -1.80
CA ILE A 154 7.98 -1.60 -2.17
C ILE A 154 7.39 -2.95 -1.79
N GLU A 155 6.29 -2.92 -1.03
CA GLU A 155 5.47 -4.10 -0.76
C GLU A 155 4.53 -4.31 -1.94
N VAL A 156 4.78 -5.35 -2.73
CA VAL A 156 4.11 -5.59 -4.01
C VAL A 156 2.70 -6.17 -3.81
N PRO A 157 1.78 -6.02 -4.79
CA PRO A 157 0.45 -6.59 -4.61
C PRO A 157 0.40 -8.03 -5.12
N MET A 158 0.45 -9.00 -4.23
CA MET A 158 0.66 -10.38 -4.65
C MET A 158 -0.65 -11.06 -5.01
N SER A 159 -0.61 -11.89 -6.04
CA SER A 159 -1.80 -12.61 -6.49
C SER A 159 -2.12 -13.84 -5.65
N TRP A 160 -1.18 -14.38 -4.90
CA TRP A 160 -1.48 -15.55 -4.08
C TRP A 160 -2.18 -15.13 -2.80
N ARG A 161 -3.37 -15.68 -2.56
CA ARG A 161 -4.11 -15.31 -1.36
C ARG A 161 -3.38 -15.70 -0.08
N SER A 162 -2.60 -16.78 -0.13
CA SER A 162 -1.89 -17.21 1.06
C SER A 162 -0.65 -16.37 1.35
N ARG A 163 -0.31 -15.44 0.46
CA ARG A 163 0.82 -14.55 0.66
C ARG A 163 0.34 -13.12 0.96
N TYR A 164 -0.93 -12.96 1.32
CA TYR A 164 -1.53 -11.64 1.47
C TYR A 164 -0.85 -10.83 2.54
N PHE A 165 -0.41 -11.49 3.62
CA PHE A 165 0.20 -10.85 4.78
C PHE A 165 1.69 -11.21 4.90
N GLU A 166 2.32 -11.57 3.78
CA GLU A 166 3.68 -12.09 3.83
C GLU A 166 4.67 -11.07 4.38
N THR A 167 4.42 -9.76 4.19
CA THR A 167 5.40 -8.76 4.60
C THR A 167 5.38 -8.50 6.09
N PHE A 168 4.32 -8.89 6.80
CA PHE A 168 4.23 -8.67 8.24
C PHE A 168 5.46 -9.22 8.98
N ALA A 169 6.01 -10.35 8.52
CA ALA A 169 7.18 -10.93 9.18
C ALA A 169 8.44 -10.07 9.01
N PHE A 170 8.46 -9.21 7.99
CA PHE A 170 9.58 -8.33 7.73
C PHE A 170 9.36 -6.93 8.30
N ARG A 171 8.29 -6.71 9.06
CA ARG A 171 7.85 -5.34 9.37
C ARG A 171 8.78 -4.64 10.36
N ASP A 172 9.44 -5.39 11.26
CA ASP A 172 10.46 -4.75 12.10
C ASP A 172 11.59 -4.20 11.25
N ILE A 173 12.03 -4.95 10.23
CA ILE A 173 13.10 -4.46 9.35
C ILE A 173 12.63 -3.22 8.59
N LEU A 174 11.41 -3.28 8.05
CA LEU A 174 10.91 -2.21 7.20
C LEU A 174 10.69 -0.93 8.00
N ASN A 175 10.09 -1.02 9.20
CA ASN A 175 9.89 0.19 10.00
C ASN A 175 11.23 0.84 10.32
N ASP A 176 12.23 0.02 10.62
CA ASP A 176 13.57 0.52 10.87
C ASP A 176 14.14 1.23 9.65
N TYR A 177 14.15 0.58 8.48
CA TYR A 177 14.60 1.28 7.27
C TYR A 177 13.85 2.59 7.10
N PHE A 178 12.53 2.58 7.32
CA PHE A 178 11.72 3.79 7.17
C PHE A 178 12.19 4.90 8.09
N THR A 179 12.32 4.61 9.40
CA THR A 179 12.73 5.66 10.33
C THR A 179 14.09 6.25 9.96
N ARG A 180 14.91 5.51 9.21
CA ARG A 180 16.25 5.96 8.85
C ARG A 180 16.36 6.52 7.43
N GLY A 181 15.25 6.77 6.75
CA GLY A 181 15.25 7.49 5.47
C GLY A 181 14.77 6.70 4.27
N ALA A 182 14.57 5.38 4.36
CA ALA A 182 14.07 4.62 3.22
C ALA A 182 12.69 5.10 2.80
N GLU A 183 12.43 5.08 1.49
CA GLU A 183 11.08 5.34 0.98
C GLU A 183 10.36 4.00 1.01
N TRP A 184 9.59 3.77 2.06
CA TRP A 184 8.85 2.53 2.27
C TRP A 184 7.40 2.76 1.84
N ILE A 185 6.98 2.09 0.75
CA ILE A 185 5.67 2.30 0.14
C ILE A 185 5.11 0.96 -0.30
N ALA A 186 3.86 0.97 -0.77
CA ALA A 186 3.19 -0.28 -1.09
C ALA A 186 2.18 -0.07 -2.23
N ALA A 187 2.02 -1.12 -3.05
CA ALA A 187 0.90 -1.15 -3.98
C ALA A 187 -0.40 -1.31 -3.22
N PRO A 188 -1.53 -0.92 -3.82
CA PRO A 188 -2.81 -1.10 -3.13
C PRO A 188 -3.07 -2.58 -2.87
N LYS A 189 -3.42 -2.90 -1.63
CA LYS A 189 -3.62 -4.32 -1.30
C LYS A 189 -4.72 -4.88 -2.18
N PRO A 190 -4.47 -5.94 -2.94
CA PRO A 190 -5.48 -6.45 -3.88
C PRO A 190 -6.69 -7.03 -3.16
N MET A 191 -7.80 -7.09 -3.89
CA MET A 191 -9.03 -7.74 -3.43
C MET A 191 -8.99 -9.25 -3.60
N LEU A 192 -8.42 -9.73 -4.71
CA LEU A 192 -8.22 -11.16 -4.98
C LEU A 192 -9.54 -11.93 -4.87
N SER A 193 -10.60 -11.34 -5.41
CA SER A 193 -11.83 -12.08 -5.56
C SER A 193 -11.65 -13.12 -6.66
N ASP A 194 -12.65 -13.98 -6.82
CA ASP A 194 -12.60 -14.98 -7.89
C ASP A 194 -12.51 -14.34 -9.26
N ASP A 195 -12.85 -13.06 -9.38
CA ASP A 195 -12.67 -12.31 -10.63
C ASP A 195 -11.22 -12.20 -11.07
N VAL A 196 -10.26 -12.46 -10.18
CA VAL A 196 -8.85 -12.43 -10.60
C VAL A 196 -8.56 -13.54 -11.60
N TRP A 197 -9.23 -14.67 -11.53
CA TRP A 197 -8.85 -15.84 -12.33
C TRP A 197 -9.58 -15.95 -13.66
N GLU A 198 -8.87 -16.42 -14.68
CA GLU A 198 -9.44 -16.62 -16.01
C GLU A 198 -10.47 -17.74 -15.96
N LYS A 199 -11.68 -17.47 -16.46
CA LYS A 199 -12.74 -18.47 -16.45
C LYS A 199 -12.64 -19.46 -17.60
N ASP A 200 -11.93 -19.11 -18.68
CA ASP A 200 -11.79 -19.97 -19.84
C ASP A 200 -10.41 -20.63 -19.93
N PHE A 201 -9.80 -20.96 -18.79
CA PHE A 201 -8.43 -21.45 -18.78
C PHE A 201 -8.38 -22.96 -18.98
N ASP A 202 -7.52 -23.39 -19.89
CA ASP A 202 -7.28 -24.82 -20.10
C ASP A 202 -6.00 -25.19 -19.36
N PHE A 203 -6.15 -25.91 -18.25
CA PHE A 203 -4.99 -26.34 -17.48
C PHE A 203 -4.18 -27.43 -18.17
N GLU A 204 -4.78 -28.15 -19.13
CA GLU A 204 -4.09 -29.21 -19.88
C GLU A 204 -3.27 -28.66 -21.04
N GLN A 205 -3.48 -27.40 -21.41
CA GLN A 205 -2.72 -26.76 -22.47
C GLN A 205 -1.47 -26.11 -21.84
N GLU A 206 -0.44 -26.94 -21.66
CA GLU A 206 0.78 -26.48 -21.00
C GLU A 206 1.46 -25.37 -21.80
N PHE A 207 1.33 -25.40 -23.12
CA PHE A 207 1.84 -24.39 -24.03
C PHE A 207 0.71 -23.93 -24.95
N PRO A 208 0.70 -22.65 -25.35
CA PRO A 208 1.61 -21.57 -24.96
C PRO A 208 1.15 -20.88 -23.68
N PHE A 209 1.90 -19.88 -23.21
CA PHE A 209 1.55 -19.18 -21.98
C PHE A 209 0.28 -18.34 -22.17
N ARG A 210 -0.76 -18.66 -21.40
CA ARG A 210 -1.90 -17.79 -21.16
C ARG A 210 -1.96 -17.53 -19.67
N SER A 211 -2.05 -16.27 -19.28
CA SER A 211 -2.00 -15.93 -17.87
C SER A 211 -3.24 -16.47 -17.15
N ILE A 212 -3.03 -16.99 -15.94
CA ILE A 212 -4.16 -17.42 -15.11
C ILE A 212 -4.84 -16.24 -14.43
N ILE A 213 -4.14 -15.10 -14.22
CA ILE A 213 -4.73 -13.90 -13.63
C ILE A 213 -5.16 -12.94 -14.73
N THR A 214 -6.24 -12.19 -14.44
CA THR A 214 -6.81 -11.18 -15.36
C THR A 214 -6.21 -9.81 -15.08
N GLU A 215 -6.76 -8.78 -15.72
CA GLU A 215 -6.39 -7.38 -15.52
C GLU A 215 -7.36 -6.64 -14.59
N VAL A 216 -7.94 -7.35 -13.61
CA VAL A 216 -8.95 -6.70 -12.80
C VAL A 216 -8.30 -5.69 -11.84
N GLU A 217 -7.08 -5.94 -11.38
CA GLU A 217 -6.36 -5.01 -10.53
C GLU A 217 -4.86 -5.21 -10.74
N PRO A 218 -4.02 -4.26 -10.33
CA PRO A 218 -2.56 -4.47 -10.49
C PRO A 218 -2.08 -5.64 -9.64
N LEU A 219 -1.32 -6.53 -10.26
CA LEU A 219 -0.71 -7.64 -9.54
C LEU A 219 0.70 -7.89 -10.09
N PHE A 220 1.64 -8.16 -9.19
CA PHE A 220 2.96 -8.62 -9.61
C PHE A 220 3.75 -9.12 -8.41
N ASP A 221 4.66 -10.05 -8.71
CA ASP A 221 5.72 -10.50 -7.79
C ASP A 221 7.01 -9.80 -8.17
N ALA A 222 7.71 -9.29 -7.17
CA ALA A 222 8.95 -8.56 -7.42
C ALA A 222 9.97 -9.42 -8.20
N ALA A 223 9.91 -10.74 -8.05
CA ALA A 223 10.91 -11.59 -8.68
C ALA A 223 10.68 -11.76 -10.18
N ASP A 224 9.75 -11.02 -10.77
CA ASP A 224 9.63 -11.01 -12.22
C ASP A 224 10.48 -9.92 -12.85
N PHE A 225 11.26 -9.20 -12.05
CA PHE A 225 12.05 -8.07 -12.52
C PHE A 225 13.49 -8.22 -12.04
N MET A 226 14.42 -7.76 -12.89
CA MET A 226 15.84 -7.74 -12.57
C MET A 226 16.39 -6.35 -12.82
N LYS A 227 17.33 -5.95 -11.98
CA LYS A 227 17.78 -4.56 -11.88
C LYS A 227 19.07 -4.34 -12.67
N MET A 228 19.08 -3.31 -13.51
CA MET A 228 20.26 -2.99 -14.32
C MET A 228 20.50 -1.49 -14.35
N GLY A 229 20.41 -0.83 -13.19
CA GLY A 229 20.67 0.59 -13.14
C GLY A 229 19.46 1.39 -13.58
N ARG A 230 19.61 2.27 -14.57
CA ARG A 230 18.44 2.97 -15.09
C ARG A 230 17.50 2.06 -15.87
N ASP A 231 17.88 0.81 -16.11
CA ASP A 231 17.07 -0.12 -16.88
C ASP A 231 16.68 -1.32 -16.03
N ILE A 232 15.45 -1.78 -16.22
CA ILE A 232 14.92 -2.94 -15.52
C ILE A 232 14.32 -3.87 -16.57
N ILE A 233 14.58 -5.17 -16.45
CA ILE A 233 13.99 -6.16 -17.33
C ILE A 233 12.95 -6.94 -16.55
N GLY A 234 11.78 -7.16 -17.17
CA GLY A 234 10.73 -7.94 -16.56
C GLY A 234 9.95 -8.73 -17.59
N GLN A 235 9.05 -9.57 -17.10
CA GLN A 235 8.18 -10.34 -17.97
C GLN A 235 6.79 -10.35 -17.37
N ARG A 236 5.79 -10.57 -18.23
CA ARG A 236 4.49 -11.00 -17.73
C ARG A 236 4.59 -12.47 -17.31
N SER A 237 3.77 -12.86 -16.36
CA SER A 237 3.76 -14.23 -15.89
C SER A 237 2.42 -14.49 -15.23
N HIS A 238 2.23 -15.71 -14.73
CA HIS A 238 1.03 -16.03 -13.96
C HIS A 238 0.91 -15.22 -12.69
N ALA A 239 1.96 -14.47 -12.32
CA ALA A 239 1.94 -13.63 -11.14
C ALA A 239 1.93 -12.14 -11.42
N THR A 240 2.23 -11.73 -12.66
CA THR A 240 2.49 -10.33 -12.95
C THR A 240 1.70 -9.92 -14.19
N ASN A 241 0.73 -9.03 -14.03
CA ASN A 241 -0.08 -8.60 -15.16
C ASN A 241 0.36 -7.24 -15.68
N LYS A 242 -0.32 -6.77 -16.73
CA LYS A 242 0.06 -5.54 -17.40
C LYS A 242 -0.15 -4.35 -16.49
N LYS A 243 -1.24 -4.36 -15.72
CA LYS A 243 -1.49 -3.29 -14.75
C LYS A 243 -0.39 -3.25 -13.70
N GLY A 244 0.07 -4.43 -13.26
CA GLY A 244 1.13 -4.47 -12.27
C GLY A 244 2.43 -3.89 -12.81
N ILE A 245 2.80 -4.25 -14.04
CA ILE A 245 3.98 -3.65 -14.65
C ILE A 245 3.80 -2.15 -14.78
N GLU A 246 2.61 -1.71 -15.21
CA GLU A 246 2.37 -0.28 -15.37
C GLU A 246 2.43 0.43 -14.03
N TRP A 247 1.96 -0.23 -12.96
CA TRP A 247 2.06 0.38 -11.62
C TRP A 247 3.52 0.55 -11.21
N LEU A 248 4.36 -0.45 -11.49
CA LEU A 248 5.77 -0.29 -11.16
C LEU A 248 6.40 0.81 -12.00
N ARG A 249 6.09 0.84 -13.30
CA ARG A 249 6.58 1.91 -14.16
C ARG A 249 6.27 3.28 -13.57
N ARG A 250 5.00 3.49 -13.20
CA ARG A 250 4.58 4.82 -12.74
C ARG A 250 5.21 5.15 -11.39
N THR A 251 5.24 4.17 -10.48
CA THR A 251 5.75 4.43 -9.15
C THR A 251 7.24 4.73 -9.18
N LEU A 252 8.00 4.01 -10.00
CA LEU A 252 9.44 4.25 -10.04
C LEU A 252 9.78 5.58 -10.70
N GLY A 253 8.95 6.05 -11.64
CA GLY A 253 9.17 7.33 -12.26
C GLY A 253 10.07 7.27 -13.48
N PRO A 254 10.35 8.43 -14.08
CA PRO A 254 11.09 8.47 -15.35
C PRO A 254 12.59 8.25 -15.22
N ASP A 255 13.11 8.12 -14.00
CA ASP A 255 14.51 7.73 -13.83
C ASP A 255 14.76 6.31 -14.34
N TYR A 256 13.74 5.46 -14.34
CA TYR A 256 13.90 4.05 -14.65
C TYR A 256 13.09 3.70 -15.89
N HIS A 257 13.64 2.79 -16.70
CA HIS A 257 12.89 2.19 -17.80
C HIS A 257 12.76 0.69 -17.58
N ILE A 258 11.53 0.20 -17.61
CA ILE A 258 11.23 -1.22 -17.51
C ILE A 258 10.98 -1.74 -18.91
N HIS A 259 11.79 -2.70 -19.35
CA HIS A 259 11.63 -3.36 -20.66
C HIS A 259 11.02 -4.74 -20.40
N ILE A 260 9.90 -5.03 -21.05
CA ILE A 260 9.22 -6.30 -20.89
C ILE A 260 9.51 -7.20 -22.09
N TYR A 261 9.92 -8.43 -21.83
CA TYR A 261 10.24 -9.39 -22.88
C TYR A 261 9.44 -10.66 -22.62
N GLU A 262 9.41 -11.53 -23.62
CA GLU A 262 8.57 -12.73 -23.58
C GLU A 262 9.42 -13.92 -23.95
N PHE A 263 9.46 -14.94 -23.08
CA PHE A 263 10.30 -16.10 -23.29
C PHE A 263 9.44 -17.37 -23.45
N ASP A 264 10.12 -18.51 -23.61
CA ASP A 264 9.50 -19.75 -24.02
C ASP A 264 9.27 -20.74 -22.88
N GLU A 265 9.45 -20.32 -21.63
CA GLU A 265 9.21 -21.23 -20.52
C GLU A 265 7.72 -21.51 -20.39
N PRO A 266 7.31 -22.77 -20.28
CA PRO A 266 5.90 -23.07 -19.98
C PRO A 266 5.57 -22.71 -18.54
N ALA A 267 4.41 -22.09 -18.35
CA ALA A 267 3.94 -21.69 -17.01
C ALA A 267 4.95 -20.81 -16.27
N PRO A 268 5.37 -19.69 -16.84
CA PRO A 268 6.38 -18.87 -16.17
C PRO A 268 5.86 -18.21 -14.90
N MET A 269 6.69 -18.21 -13.86
CA MET A 269 6.32 -17.38 -12.73
C MET A 269 7.39 -16.33 -12.48
N HIS A 270 8.55 -16.71 -11.97
CA HIS A 270 9.53 -15.65 -11.76
C HIS A 270 10.54 -15.65 -12.90
N ILE A 271 11.31 -14.56 -13.00
CA ILE A 271 12.22 -14.40 -14.13
C ILE A 271 13.66 -14.77 -13.79
N ASP A 272 13.96 -15.00 -12.51
CA ASP A 272 15.33 -15.18 -12.07
C ASP A 272 15.80 -16.63 -12.22
N THR A 273 15.13 -17.42 -13.06
CA THR A 273 15.70 -18.65 -13.61
C THR A 273 15.85 -18.56 -15.12
N THR A 274 15.73 -17.35 -15.70
CA THR A 274 15.78 -17.18 -17.15
C THR A 274 16.82 -16.14 -17.54
N ILE A 275 16.80 -14.99 -16.86
CA ILE A 275 17.70 -13.88 -17.15
C ILE A 275 18.33 -13.44 -15.84
N LEU A 276 19.67 -13.51 -15.75
CA LEU A 276 20.39 -13.02 -14.57
C LEU A 276 21.57 -12.17 -15.00
N PRO A 277 21.45 -10.85 -14.92
CA PRO A 277 22.62 -9.98 -15.10
C PRO A 277 23.63 -10.24 -13.99
N LEU A 278 24.88 -10.52 -14.36
CA LEU A 278 25.89 -10.80 -13.36
C LEU A 278 26.96 -9.72 -13.24
N ALA A 279 27.17 -8.93 -14.28
CA ALA A 279 28.12 -7.82 -14.24
C ALA A 279 27.78 -6.91 -15.40
N PRO A 280 28.35 -5.70 -15.46
CA PRO A 280 28.13 -4.88 -16.65
C PRO A 280 28.58 -5.63 -17.89
N GLY A 281 27.67 -5.79 -18.84
CA GLY A 281 27.99 -6.45 -20.07
C GLY A 281 28.04 -7.97 -20.00
N ARG A 282 27.58 -8.57 -18.92
CA ARG A 282 27.63 -10.02 -18.77
C ARG A 282 26.30 -10.50 -18.20
N VAL A 283 25.59 -11.34 -18.95
CA VAL A 283 24.27 -11.79 -18.55
C VAL A 283 24.16 -13.30 -18.74
N LEU A 284 23.72 -14.00 -17.70
CA LEU A 284 23.42 -15.41 -17.78
C LEU A 284 22.02 -15.60 -18.35
N ILE A 285 21.88 -16.45 -19.37
CA ILE A 285 20.62 -16.59 -20.11
C ILE A 285 20.30 -18.07 -20.34
N ASN A 286 19.13 -18.51 -19.87
CA ASN A 286 18.64 -19.86 -20.14
C ASN A 286 18.41 -20.05 -21.63
N LYS A 287 19.38 -20.66 -22.31
CA LYS A 287 19.37 -20.70 -23.77
C LYS A 287 18.10 -21.37 -24.31
N GLY A 288 17.70 -22.48 -23.68
CA GLY A 288 16.55 -23.23 -24.17
C GLY A 288 15.25 -22.45 -24.15
N TRP A 289 15.09 -21.51 -23.21
CA TRP A 289 13.88 -20.71 -23.11
C TRP A 289 13.99 -19.34 -23.76
N VAL A 290 15.18 -18.95 -24.21
CA VAL A 290 15.38 -17.62 -24.80
C VAL A 290 15.98 -17.79 -26.18
N PRO A 291 15.22 -18.24 -27.19
CA PRO A 291 15.80 -18.38 -28.53
C PRO A 291 16.01 -17.04 -29.23
N GLN A 292 15.38 -15.97 -28.75
CA GLN A 292 15.63 -14.62 -29.22
C GLN A 292 15.91 -13.75 -28.02
N ILE A 293 17.11 -13.22 -28.00
CA ILE A 293 17.66 -12.54 -26.83
C ILE A 293 17.12 -11.11 -26.78
N PRO A 294 16.73 -10.59 -25.61
CA PRO A 294 16.32 -9.20 -25.52
C PRO A 294 17.33 -8.27 -26.20
N ASP A 295 16.81 -7.28 -26.95
CA ASP A 295 17.72 -6.43 -27.72
C ASP A 295 18.60 -5.56 -26.83
N ILE A 296 18.26 -5.39 -25.55
CA ILE A 296 19.09 -4.58 -24.66
C ILE A 296 20.39 -5.29 -24.31
N PHE A 297 20.57 -6.52 -24.81
CA PHE A 297 21.80 -7.27 -24.58
C PHE A 297 22.61 -7.44 -25.85
N LYS A 298 22.31 -6.66 -26.90
CA LYS A 298 22.99 -6.84 -28.19
C LYS A 298 24.50 -6.74 -28.03
N ASP A 299 24.99 -5.81 -27.22
CA ASP A 299 26.41 -5.63 -27.02
C ASP A 299 26.93 -6.32 -25.78
N TRP A 300 26.12 -7.18 -25.17
CA TRP A 300 26.51 -7.87 -23.96
C TRP A 300 27.08 -9.25 -24.31
N GLU A 301 27.87 -9.79 -23.37
CA GLU A 301 28.37 -11.15 -23.46
C GLU A 301 27.33 -12.07 -22.87
N ILE A 302 27.00 -13.14 -23.58
CA ILE A 302 25.89 -14.01 -23.22
C ILE A 302 26.46 -15.31 -22.72
N LEU A 303 26.12 -15.67 -21.48
CA LEU A 303 26.62 -16.89 -20.86
C LEU A 303 25.47 -17.87 -20.69
N ASN A 304 25.65 -19.10 -21.17
CA ASN A 304 24.55 -20.06 -21.16
C ASN A 304 24.86 -21.15 -20.14
N PRO A 305 24.04 -21.30 -19.11
CA PRO A 305 24.37 -22.22 -18.01
C PRO A 305 24.06 -23.67 -18.35
N PRO A 306 24.96 -24.61 -18.02
CA PRO A 306 24.64 -26.02 -18.22
C PRO A 306 23.46 -26.46 -17.35
N ALA A 307 22.95 -27.65 -17.64
CA ALA A 307 21.82 -28.19 -16.90
C ALA A 307 22.23 -28.68 -15.51
N SER A 308 21.22 -28.82 -14.65
CA SER A 308 21.43 -29.20 -13.25
C SER A 308 21.84 -30.66 -13.14
N ASN A 309 22.59 -30.96 -12.08
CA ASN A 309 23.06 -32.28 -11.72
C ASN A 309 22.20 -32.95 -10.66
N LEU A 310 21.14 -32.29 -10.21
CA LEU A 310 20.24 -32.89 -9.24
C LEU A 310 19.68 -34.19 -9.80
N PRO A 311 19.47 -35.19 -8.96
CA PRO A 311 18.79 -36.40 -9.44
C PRO A 311 17.40 -36.03 -9.92
N ASP A 312 16.84 -36.88 -10.79
CA ASP A 312 15.43 -36.73 -11.13
C ASP A 312 14.55 -36.98 -9.92
N ASP A 313 15.03 -37.81 -8.99
CA ASP A 313 14.31 -38.17 -7.76
C ASP A 313 14.03 -36.98 -6.85
N HIS A 314 14.78 -35.90 -7.00
CA HIS A 314 14.78 -34.83 -6.01
C HIS A 314 13.51 -33.99 -6.14
N PRO A 315 12.75 -33.81 -5.06
CA PRO A 315 11.51 -33.03 -5.14
C PRO A 315 11.79 -31.55 -5.42
N LEU A 316 10.99 -30.99 -6.34
CA LEU A 316 11.01 -29.58 -6.72
C LEU A 316 9.54 -29.13 -6.79
N TYR A 317 8.99 -28.74 -5.63
CA TYR A 317 7.55 -28.45 -5.56
C TYR A 317 7.13 -27.29 -6.44
N MET A 318 7.98 -26.28 -6.64
CA MET A 318 7.48 -24.99 -7.13
C MET A 318 8.43 -24.34 -8.14
N SER A 319 9.03 -25.12 -9.04
CA SER A 319 10.00 -24.58 -9.98
C SER A 319 10.33 -25.63 -11.03
N SER A 320 11.05 -25.18 -12.06
CA SER A 320 11.62 -26.02 -13.08
C SER A 320 12.90 -26.70 -12.59
N ASN A 321 13.49 -27.53 -13.44
CA ASN A 321 14.78 -28.14 -13.16
C ASN A 321 15.94 -27.19 -13.45
N TRP A 322 15.66 -25.89 -13.53
CA TRP A 322 16.65 -24.85 -13.77
C TRP A 322 16.82 -23.91 -12.58
N ILE A 323 16.30 -24.31 -11.40
CA ILE A 323 16.39 -23.50 -10.19
C ILE A 323 17.85 -23.29 -9.78
N HIS A 324 18.77 -24.14 -10.26
CA HIS A 324 20.18 -23.98 -9.93
C HIS A 324 20.79 -22.71 -10.51
N THR A 325 20.18 -22.10 -11.53
CA THR A 325 20.69 -20.85 -12.09
C THR A 325 20.36 -19.63 -11.24
N ASN A 326 19.55 -19.81 -10.19
CA ASN A 326 19.01 -18.71 -9.38
C ASN A 326 20.05 -18.21 -8.36
N VAL A 327 21.18 -17.72 -8.90
CA VAL A 327 22.37 -17.42 -8.11
C VAL A 327 22.31 -16.00 -7.55
N LEU A 328 23.23 -15.69 -6.63
CA LEU A 328 23.34 -14.38 -6.00
C LEU A 328 24.75 -13.85 -6.19
N MET A 329 24.88 -12.60 -6.66
CA MET A 329 26.18 -11.95 -6.85
C MET A 329 26.53 -11.11 -5.62
N LEU A 330 27.71 -11.35 -5.06
CA LEU A 330 28.23 -10.52 -3.98
C LEU A 330 28.94 -9.27 -4.48
N ASP A 331 29.44 -9.30 -5.72
CA ASP A 331 30.01 -8.17 -6.46
C ASP A 331 30.18 -8.64 -7.90
N GLU A 332 30.82 -7.82 -8.75
CA GLU A 332 30.88 -8.12 -10.19
C GLU A 332 31.48 -9.50 -10.46
N LYS A 333 32.33 -10.02 -9.57
CA LYS A 333 33.13 -11.19 -9.87
C LYS A 333 32.93 -12.36 -8.90
N THR A 334 31.96 -12.27 -7.97
CA THR A 334 31.76 -13.29 -6.94
C THR A 334 30.30 -13.74 -6.90
N VAL A 335 30.07 -15.04 -7.04
CA VAL A 335 28.73 -15.62 -7.11
C VAL A 335 28.62 -16.77 -6.12
N ILE A 336 27.44 -16.90 -5.50
CA ILE A 336 27.10 -18.03 -4.65
C ILE A 336 26.28 -19.03 -5.48
N VAL A 337 26.68 -20.30 -5.44
CA VAL A 337 26.05 -21.33 -6.27
C VAL A 337 25.96 -22.63 -5.45
N GLU A 338 24.90 -23.41 -5.73
CA GLU A 338 24.65 -24.63 -4.95
C GLU A 338 25.80 -25.62 -5.06
N GLU A 339 26.13 -26.28 -3.93
CA GLU A 339 27.40 -26.97 -3.77
C GLU A 339 27.54 -28.18 -4.68
N ASP A 340 26.43 -28.86 -5.03
CA ASP A 340 26.50 -30.09 -5.81
C ASP A 340 26.28 -29.85 -7.31
N GLU A 341 26.31 -28.58 -7.76
CA GLU A 341 26.13 -28.25 -9.17
C GLU A 341 27.49 -28.11 -9.87
N GLU A 342 28.17 -29.25 -10.01
CA GLU A 342 29.56 -29.22 -10.49
C GLU A 342 29.69 -28.67 -11.91
N ALA A 343 28.75 -28.98 -12.81
CA ALA A 343 28.87 -28.44 -14.16
C ALA A 343 28.75 -26.91 -14.14
N LEU A 344 27.77 -26.39 -13.38
CA LEU A 344 27.59 -24.94 -13.29
C LEU A 344 28.79 -24.28 -12.62
N ILE A 345 29.18 -24.81 -11.45
CA ILE A 345 30.36 -24.32 -10.74
C ILE A 345 31.56 -24.24 -11.68
N SER A 346 31.80 -25.32 -12.43
CA SER A 346 32.92 -25.33 -13.35
C SER A 346 32.78 -24.23 -14.38
N ALA A 347 31.58 -24.06 -14.95
CA ALA A 347 31.37 -23.00 -15.94
C ALA A 347 31.66 -21.61 -15.36
N PHE A 348 31.11 -21.31 -14.19
CA PHE A 348 31.35 -20.01 -13.57
C PHE A 348 32.84 -19.73 -13.42
N ARG A 349 33.64 -20.75 -13.11
CA ARG A 349 35.08 -20.54 -12.98
C ARG A 349 35.72 -20.23 -14.33
N GLN A 350 35.43 -21.04 -15.36
CA GLN A 350 35.94 -20.75 -16.70
C GLN A 350 35.55 -19.35 -17.19
N TRP A 351 34.36 -18.88 -16.81
CA TRP A 351 33.96 -17.52 -17.15
C TRP A 351 34.72 -16.44 -16.36
N GLY A 352 35.50 -16.83 -15.35
CA GLY A 352 36.26 -15.88 -14.57
C GLY A 352 35.58 -15.37 -13.34
N PHE A 353 34.72 -16.16 -12.71
CA PHE A 353 34.04 -15.78 -11.49
C PHE A 353 34.62 -16.57 -10.32
N LYS A 354 34.79 -15.91 -9.19
CA LYS A 354 35.00 -16.61 -7.93
C LYS A 354 33.67 -17.21 -7.50
N THR A 355 33.69 -18.47 -7.08
CA THR A 355 32.49 -19.19 -6.65
C THR A 355 32.52 -19.39 -5.14
N ILE A 356 31.40 -19.12 -4.49
CA ILE A 356 31.24 -19.47 -3.08
C ILE A 356 30.14 -20.52 -3.01
N LEU A 357 30.47 -21.69 -2.50
CA LEU A 357 29.62 -22.86 -2.55
C LEU A 357 28.82 -22.99 -1.26
N CYS A 358 27.57 -23.44 -1.38
CA CYS A 358 26.67 -23.53 -0.25
C CYS A 358 25.64 -24.62 -0.56
N PRO A 359 25.30 -25.45 0.40
CA PRO A 359 24.30 -26.48 0.16
C PRO A 359 22.92 -25.82 0.19
N PHE A 360 22.09 -26.10 -0.80
CA PHE A 360 20.82 -25.47 -0.89
C PHE A 360 19.75 -26.24 -1.60
N LYS A 361 20.03 -27.46 -1.96
CA LYS A 361 19.12 -28.25 -2.73
C LYS A 361 17.81 -28.51 -2.06
N HIS A 362 17.82 -28.65 -0.77
CA HIS A 362 16.60 -28.88 -0.01
C HIS A 362 15.80 -27.61 0.20
N PHE A 363 16.46 -26.46 0.37
CA PHE A 363 15.73 -25.20 0.29
C PHE A 363 15.10 -25.03 -1.09
N GLN A 364 15.80 -25.49 -2.13
CA GLN A 364 15.34 -25.28 -3.50
C GLN A 364 14.08 -26.09 -3.78
N THR A 365 13.88 -27.21 -3.08
CA THR A 365 12.62 -27.94 -3.19
C THR A 365 11.44 -26.99 -3.02
N PHE A 366 11.58 -26.00 -2.15
CA PHE A 366 10.52 -25.05 -1.84
C PHE A 366 10.48 -23.84 -2.77
N GLY A 367 11.06 -23.93 -3.97
CA GLY A 367 10.76 -22.99 -5.03
C GLY A 367 11.69 -21.80 -5.20
N GLY A 368 12.84 -21.79 -4.55
CA GLY A 368 13.80 -20.72 -4.75
C GLY A 368 15.21 -21.17 -4.38
N SER A 369 16.19 -20.48 -4.96
CA SER A 369 17.58 -20.64 -4.53
C SER A 369 18.09 -19.25 -4.11
N PHE A 370 19.41 -19.10 -3.96
CA PHE A 370 19.93 -17.92 -3.28
C PHE A 370 19.33 -16.56 -3.61
N HIS A 371 19.03 -16.33 -4.89
CA HIS A 371 18.40 -15.07 -5.29
C HIS A 371 17.01 -14.93 -4.68
N CYS A 372 16.14 -15.95 -4.85
CA CYS A 372 14.79 -15.88 -4.29
C CYS A 372 14.81 -15.70 -2.78
N ALA A 373 15.77 -16.32 -2.10
CA ALA A 373 15.85 -16.29 -0.64
C ALA A 373 16.41 -14.98 -0.09
N THR A 374 16.78 -14.04 -0.94
CA THR A 374 17.43 -12.83 -0.48
C THR A 374 16.75 -11.61 -1.07
N LEU A 375 17.03 -10.47 -0.46
CA LEU A 375 16.73 -9.18 -1.09
C LEU A 375 17.91 -8.26 -0.81
N ASP A 376 18.60 -7.86 -1.87
CA ASP A 376 19.69 -6.91 -1.76
C ASP A 376 19.13 -5.50 -1.53
N VAL A 377 19.34 -4.95 -0.35
CA VAL A 377 18.83 -3.61 -0.05
C VAL A 377 19.89 -2.53 -0.11
N LYS A 378 21.17 -2.88 -0.10
CA LYS A 378 22.21 -1.88 -0.24
C LYS A 378 23.42 -2.47 -0.95
N ARG A 379 23.79 -1.85 -2.06
CA ARG A 379 24.99 -2.15 -2.81
C ARG A 379 25.70 -0.82 -3.03
N SER A 380 27.03 -0.82 -3.02
CA SER A 380 27.73 0.44 -3.19
C SER A 380 27.76 0.80 -4.67
N GLY A 381 27.39 2.02 -4.98
CA GLY A 381 27.43 2.53 -6.34
C GLY A 381 26.30 3.50 -6.59
N SER A 382 26.44 4.26 -7.66
CA SER A 382 25.44 5.24 -8.09
C SER A 382 24.63 4.71 -9.26
N LEU A 383 23.60 5.48 -9.63
CA LEU A 383 22.68 5.07 -10.69
C LEU A 383 23.32 5.37 -12.04
N LYS A 384 23.59 4.31 -12.83
CA LYS A 384 24.24 4.42 -14.12
C LYS A 384 23.40 3.73 -15.20
N SER A 385 23.80 3.94 -16.44
CA SER A 385 23.29 3.17 -17.58
C SER A 385 24.33 2.14 -18.01
N TYR A 386 23.85 0.94 -18.38
CA TYR A 386 24.73 -0.13 -18.84
C TYR A 386 24.32 -0.71 -20.18
N ILE A 387 23.29 -0.15 -20.83
CA ILE A 387 22.91 -0.61 -22.15
C ILE A 387 23.05 0.59 -23.09
N TYR B 24 17.34 -10.83 -32.50
CA TYR B 24 17.07 -10.23 -31.18
C TYR B 24 15.58 -9.91 -31.06
N GLN B 25 15.11 -9.76 -29.82
CA GLN B 25 13.69 -9.55 -29.53
C GLN B 25 13.46 -8.14 -29.02
N LYS B 26 12.48 -7.45 -29.60
CA LYS B 26 12.12 -6.11 -29.16
C LYS B 26 11.12 -6.17 -28.02
N GLU B 27 11.19 -5.18 -27.14
CA GLU B 27 10.38 -5.23 -25.93
C GLU B 27 8.93 -4.95 -26.26
N GLU B 28 8.06 -5.40 -25.37
CA GLU B 28 6.61 -5.19 -25.56
C GLU B 28 6.27 -3.71 -25.38
N PRO B 29 5.38 -3.17 -26.22
CA PRO B 29 5.00 -1.76 -26.09
C PRO B 29 4.30 -1.50 -24.76
N SER B 30 4.18 -0.23 -24.43
CA SER B 30 3.42 0.15 -23.24
C SER B 30 1.99 -0.41 -23.33
N TYR B 31 1.42 -0.74 -22.17
CA TYR B 31 0.04 -1.22 -22.13
C TYR B 31 -0.97 -0.09 -21.94
N PHE B 32 -0.56 1.02 -21.35
CA PHE B 32 -1.44 2.17 -21.17
C PHE B 32 -1.17 3.21 -22.24
N SER B 33 -2.05 4.19 -22.30
CA SER B 33 -1.97 5.31 -23.22
C SER B 33 -1.34 6.51 -22.52
N HIS B 34 -1.10 7.56 -23.31
CA HIS B 34 -0.59 8.83 -22.79
C HIS B 34 -1.70 9.71 -22.21
N SER B 35 -2.76 9.13 -21.67
CA SER B 35 -3.89 9.92 -21.22
C SER B 35 -3.51 10.75 -19.99
N PRO B 36 -3.96 12.00 -19.91
CA PRO B 36 -3.66 12.82 -18.74
C PRO B 36 -4.39 12.33 -17.49
N SER B 37 -3.72 12.41 -16.35
CA SER B 37 -4.34 11.94 -15.12
C SER B 37 -5.68 12.63 -14.89
N PRO B 38 -6.76 11.88 -14.66
CA PRO B 38 -8.02 12.51 -14.19
C PRO B 38 -8.00 12.93 -12.72
N VAL B 39 -6.98 12.55 -11.96
CA VAL B 39 -6.75 13.13 -10.65
C VAL B 39 -5.76 14.28 -10.83
N GLU B 40 -6.20 15.50 -10.49
CA GLU B 40 -5.28 16.63 -10.45
C GLU B 40 -5.92 17.72 -9.59
N VAL B 41 -5.41 17.88 -8.37
CA VAL B 41 -5.99 18.83 -7.42
C VAL B 41 -4.88 19.32 -6.51
N TYR B 42 -4.91 20.62 -6.19
CA TYR B 42 -3.86 21.22 -5.36
C TYR B 42 -4.38 22.01 -4.17
N THR B 43 -5.64 22.47 -4.17
CA THR B 43 -6.16 23.31 -3.10
C THR B 43 -7.54 22.81 -2.71
N GLU B 44 -8.11 23.44 -1.68
CA GLU B 44 -9.48 23.15 -1.24
C GLU B 44 -10.53 23.99 -1.97
N TRP B 45 -10.10 24.95 -2.80
CA TRP B 45 -10.98 26.01 -3.29
C TRP B 45 -10.97 26.22 -4.79
N ASP B 46 -10.07 25.59 -5.54
CA ASP B 46 -10.05 25.81 -6.97
C ASP B 46 -11.33 25.22 -7.57
N PRO B 47 -11.75 25.69 -8.74
CA PRO B 47 -13.04 25.26 -9.29
C PRO B 47 -13.12 23.73 -9.42
N LEU B 48 -14.12 23.16 -8.77
CA LEU B 48 -14.23 21.72 -8.63
C LEU B 48 -14.77 21.09 -9.91
N GLU B 49 -14.07 20.07 -10.44
CA GLU B 49 -14.49 19.41 -11.67
C GLU B 49 -14.92 17.96 -11.48
N GLU B 50 -14.26 17.21 -10.60
CA GLU B 50 -14.67 15.84 -10.31
C GLU B 50 -14.50 15.59 -8.81
N VAL B 51 -15.44 14.85 -8.25
CA VAL B 51 -15.47 14.61 -6.81
C VAL B 51 -16.07 13.23 -6.57
N ILE B 52 -15.55 12.53 -5.57
CA ILE B 52 -16.16 11.31 -5.06
C ILE B 52 -17.10 11.69 -3.93
N VAL B 53 -18.33 11.17 -3.94
CA VAL B 53 -19.28 11.40 -2.85
C VAL B 53 -19.61 10.06 -2.21
N GLY B 54 -19.58 10.01 -0.88
CA GLY B 54 -19.81 8.76 -0.17
C GLY B 54 -21.24 8.24 -0.37
N ILE B 55 -21.45 7.01 0.09
CA ILE B 55 -22.79 6.42 0.16
C ILE B 55 -23.06 5.99 1.59
N MET B 56 -24.34 5.79 1.89
CA MET B 56 -24.79 5.33 3.19
C MET B 56 -25.60 4.05 2.98
N ASP B 57 -24.89 2.92 2.94
CA ASP B 57 -25.47 1.60 2.72
C ASP B 57 -25.78 0.99 4.07
N ASP B 58 -25.92 -0.32 4.11
CA ASP B 58 -26.19 -0.96 5.37
C ASP B 58 -24.82 -1.00 6.01
N ILE B 59 -24.63 -0.04 6.93
CA ILE B 59 -23.39 0.16 7.64
C ILE B 59 -23.43 -0.56 8.99
N ARG B 60 -22.28 -0.63 9.66
CA ARG B 60 -22.16 -1.39 10.91
C ARG B 60 -21.58 -0.51 12.00
N VAL B 61 -22.05 -0.71 13.24
CA VAL B 61 -21.42 -0.12 14.42
C VAL B 61 -20.07 -0.80 14.66
N PRO B 62 -18.98 -0.06 14.72
CA PRO B 62 -17.67 -0.71 14.93
C PRO B 62 -17.62 -1.49 16.24
N ASP B 63 -16.77 -2.52 16.28
CA ASP B 63 -16.58 -3.22 17.54
C ASP B 63 -15.93 -2.28 18.54
N TRP B 64 -16.48 -2.23 19.75
CA TRP B 64 -15.98 -1.32 20.77
C TRP B 64 -14.53 -1.67 21.10
N ASP B 65 -13.64 -0.69 21.00
CA ASP B 65 -12.23 -0.88 21.37
C ASP B 65 -11.70 0.46 21.88
N LYS B 66 -10.37 0.53 22.09
CA LYS B 66 -9.78 1.69 22.78
C LYS B 66 -9.71 2.92 21.89
N SER B 67 -9.56 2.75 20.57
CA SER B 67 -9.67 3.89 19.67
C SER B 67 -11.03 4.59 19.83
N LEU B 68 -12.11 3.81 19.83
CA LEU B 68 -13.44 4.40 19.99
C LEU B 68 -13.61 5.04 21.36
N LYS B 69 -13.09 4.38 22.41
CA LYS B 69 -13.19 4.94 23.76
C LYS B 69 -12.52 6.30 23.86
N ALA B 70 -11.33 6.44 23.26
CA ALA B 70 -10.66 7.73 23.22
C ALA B 70 -11.42 8.75 22.40
N ILE B 71 -12.05 8.33 21.30
CA ILE B 71 -12.53 9.24 20.28
C ILE B 71 -14.04 9.53 20.41
N ILE B 72 -14.86 8.54 20.73
CA ILE B 72 -16.30 8.80 20.77
C ILE B 72 -16.64 9.66 21.98
N PRO B 73 -17.51 10.67 21.85
CA PRO B 73 -17.88 11.48 23.03
C PRO B 73 -18.51 10.63 24.13
N GLU B 74 -18.21 11.02 25.38
CA GLU B 74 -18.56 10.19 26.54
C GLU B 74 -20.06 9.92 26.62
N GLU B 75 -20.89 10.90 26.26
CA GLU B 75 -22.35 10.72 26.28
C GLU B 75 -22.76 9.45 25.53
N ASN B 76 -22.06 9.15 24.44
CA ASN B 76 -22.44 8.09 23.52
C ASN B 76 -21.76 6.75 23.81
N HIS B 77 -20.99 6.64 24.90
CA HIS B 77 -20.30 5.38 25.17
C HIS B 77 -21.28 4.24 25.48
N ASP B 78 -22.37 4.55 26.20
CA ASP B 78 -23.38 3.54 26.49
C ASP B 78 -23.93 2.93 25.20
N PHE B 79 -24.27 3.78 24.23
CA PHE B 79 -24.76 3.29 22.96
C PHE B 79 -23.72 2.42 22.26
N PHE B 80 -22.50 2.91 22.13
CA PHE B 80 -21.52 2.17 21.32
C PHE B 80 -21.10 0.89 22.00
N GLN B 81 -21.20 0.83 23.33
CA GLN B 81 -20.93 -0.44 24.01
C GLN B 81 -22.08 -1.41 23.81
N THR B 82 -23.31 -0.90 23.88
CA THR B 82 -24.48 -1.76 23.81
C THR B 82 -24.76 -2.24 22.39
N TYR B 83 -24.43 -1.45 21.38
CA TYR B 83 -24.71 -1.83 19.99
C TYR B 83 -23.44 -2.16 19.23
N SER B 84 -22.35 -2.42 19.95
CA SER B 84 -21.09 -2.85 19.37
C SER B 84 -21.28 -3.98 18.36
N GLY B 85 -20.85 -3.73 17.12
CA GLY B 85 -20.95 -4.73 16.08
C GLY B 85 -22.33 -4.92 15.49
N LYS B 86 -23.31 -4.12 15.89
CA LYS B 86 -24.64 -4.25 15.32
C LYS B 86 -25.01 -2.89 14.77
N ARG B 87 -26.24 -2.72 14.30
CA ARG B 87 -26.64 -1.55 13.53
C ARG B 87 -27.09 -0.27 14.21
N PHE B 88 -26.94 0.84 13.49
CA PHE B 88 -27.54 2.11 13.86
C PHE B 88 -29.03 2.10 13.59
N PRO B 89 -29.80 2.95 14.27
CA PRO B 89 -31.25 3.00 14.03
C PRO B 89 -31.58 3.35 12.59
N GLU B 90 -32.45 2.53 11.98
CA GLU B 90 -32.75 2.68 10.55
C GLU B 90 -33.35 4.05 10.24
N GLU B 91 -34.24 4.53 11.11
CA GLU B 91 -34.86 5.84 10.97
C GLU B 91 -33.82 6.92 10.67
N LEU B 92 -32.78 7.01 11.52
CA LEU B 92 -31.71 7.99 11.29
C LEU B 92 -30.94 7.70 10.01
N LEU B 93 -30.67 6.42 9.75
CA LEU B 93 -29.89 6.01 8.58
C LEU B 93 -30.60 6.39 7.29
N ILE B 94 -31.91 6.16 7.21
CA ILE B 94 -32.69 6.47 6.01
C ILE B 94 -32.61 7.95 5.71
N LYS B 95 -32.82 8.81 6.72
CA LYS B 95 -32.71 10.24 6.51
C LYS B 95 -31.31 10.64 6.03
N ALA B 96 -30.28 10.04 6.64
CA ALA B 96 -28.91 10.36 6.26
C ALA B 96 -28.64 9.94 4.81
N ARG B 97 -29.14 8.76 4.43
CA ARG B 97 -28.96 8.29 3.07
C ARG B 97 -29.66 9.20 2.07
N GLN B 98 -30.87 9.65 2.41
CA GLN B 98 -31.55 10.64 1.60
C GLN B 98 -30.68 11.90 1.42
N GLU B 99 -30.06 12.37 2.49
CA GLU B 99 -29.40 13.66 2.40
C GLU B 99 -28.11 13.61 1.57
N VAL B 100 -27.36 12.49 1.63
CA VAL B 100 -26.17 12.43 0.79
C VAL B 100 -26.55 12.24 -0.69
N GLU B 101 -27.73 11.68 -0.98
CA GLU B 101 -28.17 11.60 -2.37
C GLU B 101 -28.63 12.96 -2.88
N THR B 102 -29.23 13.79 -2.02
CA THR B 102 -29.56 15.15 -2.40
C THR B 102 -28.29 15.96 -2.72
N LEU B 103 -27.26 15.81 -1.88
CA LEU B 103 -25.97 16.44 -2.14
C LEU B 103 -25.39 16.00 -3.48
N ALA B 104 -25.36 14.69 -3.74
CA ALA B 104 -24.78 14.20 -4.99
C ALA B 104 -25.48 14.84 -6.19
N GLN B 105 -26.81 14.90 -6.14
CA GLN B 105 -27.54 15.49 -7.25
C GLN B 105 -27.30 16.98 -7.35
N ILE B 106 -27.11 17.66 -6.21
CA ILE B 106 -26.83 19.09 -6.26
C ILE B 106 -25.50 19.34 -6.95
N LEU B 107 -24.50 18.47 -6.67
CA LEU B 107 -23.18 18.63 -7.31
C LEU B 107 -23.26 18.35 -8.81
N GLN B 108 -23.98 17.31 -9.21
CA GLN B 108 -24.16 17.04 -10.64
C GLN B 108 -24.80 18.24 -11.34
N ALA B 109 -25.86 18.80 -10.75
CA ALA B 109 -26.51 19.95 -11.37
C ALA B 109 -25.55 21.13 -11.55
N GLU B 110 -24.53 21.25 -10.68
CA GLU B 110 -23.53 22.28 -10.90
C GLU B 110 -22.59 21.94 -12.07
N GLY B 111 -22.74 20.78 -12.70
CA GLY B 111 -21.89 20.39 -13.80
C GLY B 111 -20.68 19.58 -13.41
N ILE B 112 -20.60 19.18 -12.14
CA ILE B 112 -19.45 18.47 -11.62
C ILE B 112 -19.67 16.98 -11.82
N ARG B 113 -18.64 16.29 -12.30
CA ARG B 113 -18.63 14.83 -12.38
C ARG B 113 -18.60 14.23 -10.97
N VAL B 114 -19.53 13.32 -10.70
CA VAL B 114 -19.65 12.71 -9.38
C VAL B 114 -19.42 11.20 -9.49
N LYS B 115 -18.53 10.67 -8.64
CA LYS B 115 -18.28 9.24 -8.55
C LYS B 115 -18.71 8.74 -7.16
N ARG B 116 -19.29 7.53 -7.11
CA ARG B 116 -19.76 6.96 -5.86
C ARG B 116 -19.20 5.55 -5.69
N PRO B 117 -18.85 5.15 -4.47
CA PRO B 117 -18.40 3.78 -4.23
C PRO B 117 -19.54 2.79 -4.39
N ASN B 118 -19.17 1.53 -4.57
CA ASN B 118 -20.13 0.46 -4.62
C ASN B 118 -20.66 0.15 -3.22
N GLU B 119 -21.75 -0.61 -3.16
CA GLU B 119 -22.20 -1.18 -1.91
C GLU B 119 -21.30 -2.34 -1.51
N SER B 120 -21.20 -2.58 -0.21
CA SER B 120 -20.44 -3.72 0.25
C SER B 120 -21.16 -4.36 1.45
N ASN B 121 -20.67 -5.54 1.83
CA ASN B 121 -21.16 -6.25 3.01
C ASN B 121 -20.34 -5.78 4.20
N HIS B 122 -20.94 -4.90 5.00
CA HIS B 122 -20.28 -4.38 6.19
C HIS B 122 -20.35 -5.35 7.37
N HIS B 123 -21.11 -6.44 7.24
CA HIS B 123 -21.38 -7.32 8.37
C HIS B 123 -20.81 -8.72 8.14
N GLN B 124 -19.55 -8.82 7.75
CA GLN B 124 -18.93 -10.12 7.65
C GLN B 124 -17.64 -10.13 8.46
N PRO B 125 -17.43 -11.16 9.27
CA PRO B 125 -16.23 -11.22 10.10
C PRO B 125 -14.95 -11.12 9.28
N ILE B 126 -13.99 -10.38 9.84
CA ILE B 126 -12.66 -10.19 9.27
C ILE B 126 -11.65 -10.79 10.25
N MET B 127 -10.71 -11.58 9.74
CA MET B 127 -9.64 -12.20 10.52
C MET B 127 -8.32 -11.98 9.81
N THR B 128 -7.39 -11.36 10.51
CA THR B 128 -6.06 -11.04 10.02
C THR B 128 -5.10 -11.63 11.04
N PRO B 129 -3.78 -11.61 10.78
CA PRO B 129 -2.88 -12.27 11.74
C PRO B 129 -2.90 -11.68 13.15
N HIS B 130 -3.27 -10.40 13.32
CA HIS B 130 -3.16 -9.80 14.65
C HIS B 130 -4.46 -9.18 15.17
N PHE B 131 -5.59 -9.34 14.47
CA PHE B 131 -6.86 -8.89 15.00
C PHE B 131 -7.99 -9.51 14.20
N THR B 132 -9.17 -9.53 14.83
CA THR B 132 -10.42 -9.86 14.15
C THR B 132 -11.45 -8.75 14.39
N THR B 133 -12.39 -8.61 13.45
CA THR B 133 -13.57 -7.76 13.62
C THR B 133 -14.79 -8.51 13.14
N GLY B 134 -15.95 -7.99 13.52
CA GLY B 134 -17.19 -8.46 12.99
C GLY B 134 -17.60 -7.84 11.67
N GLY B 135 -16.73 -7.05 11.04
CA GLY B 135 -17.04 -6.48 9.74
C GLY B 135 -16.24 -5.21 9.48
N THR B 136 -16.75 -4.39 8.57
CA THR B 136 -16.20 -3.08 8.27
C THR B 136 -17.07 -2.02 8.94
N PHE B 137 -17.04 -0.78 8.43
CA PHE B 137 -17.72 0.34 9.09
C PHE B 137 -18.73 0.99 8.13
N TYR B 138 -18.28 1.92 7.29
CA TYR B 138 -19.15 2.50 6.28
C TYR B 138 -18.31 3.08 5.16
N SER B 139 -19.00 3.46 4.08
CA SER B 139 -18.40 4.03 2.88
C SER B 139 -18.83 5.47 2.69
N ALA B 140 -19.11 6.18 3.77
CA ALA B 140 -19.73 7.50 3.67
C ALA B 140 -18.73 8.65 3.65
N MET B 141 -17.50 8.41 4.13
CA MET B 141 -16.51 9.46 4.35
C MET B 141 -15.24 9.16 3.54
N PRO B 142 -15.27 9.38 2.23
CA PRO B 142 -14.05 9.17 1.41
C PRO B 142 -12.89 10.08 1.80
N ARG B 143 -13.16 11.21 2.46
CA ARG B 143 -12.12 12.11 2.95
C ARG B 143 -11.26 11.45 4.02
N ASP B 144 -11.76 10.41 4.70
CA ASP B 144 -10.97 9.78 5.75
C ASP B 144 -9.97 8.78 5.17
N CYS B 145 -10.38 7.99 4.19
CA CYS B 145 -9.58 6.83 3.81
C CYS B 145 -8.70 7.07 2.60
N LEU B 146 -8.87 8.19 1.89
CA LEU B 146 -8.12 8.51 0.69
C LEU B 146 -7.59 9.94 0.77
N PHE B 147 -6.34 10.15 0.36
CA PHE B 147 -5.75 11.48 0.26
C PHE B 147 -5.30 11.74 -1.19
N ALA B 148 -5.67 12.91 -1.72
CA ALA B 148 -5.38 13.25 -3.11
C ALA B 148 -4.78 14.65 -3.19
N ILE B 149 -3.56 14.73 -3.75
CA ILE B 149 -2.94 16.01 -4.10
C ILE B 149 -2.10 15.78 -5.35
N GLY B 150 -2.06 16.80 -6.22
CA GLY B 150 -1.36 16.62 -7.49
C GLY B 150 -2.04 15.53 -8.29
N LYS B 151 -1.27 14.60 -8.83
CA LYS B 151 -1.84 13.48 -9.56
C LYS B 151 -1.92 12.21 -8.72
N LYS B 152 -1.65 12.32 -7.42
CA LYS B 152 -1.56 11.17 -6.52
C LYS B 152 -2.88 10.98 -5.79
N ILE B 153 -3.32 9.72 -5.72
CA ILE B 153 -4.41 9.34 -4.85
C ILE B 153 -3.90 8.18 -4.00
N ILE B 154 -4.05 8.29 -2.69
CA ILE B 154 -3.31 7.47 -1.75
C ILE B 154 -4.28 6.74 -0.82
N GLU B 155 -4.10 5.44 -0.67
CA GLU B 155 -4.86 4.66 0.30
C GLU B 155 -4.10 4.75 1.63
N VAL B 156 -4.64 5.49 2.60
CA VAL B 156 -3.88 5.83 3.81
C VAL B 156 -3.94 4.66 4.79
N PRO B 157 -2.99 4.55 5.72
CA PRO B 157 -3.03 3.46 6.69
C PRO B 157 -3.86 3.84 7.91
N MET B 158 -5.11 3.37 7.98
CA MET B 158 -6.01 3.84 9.05
C MET B 158 -5.80 3.05 10.33
N SER B 159 -5.92 3.75 11.47
CA SER B 159 -5.74 3.11 12.76
C SER B 159 -6.92 2.23 13.17
N TRP B 160 -8.10 2.39 12.57
CA TRP B 160 -9.28 1.64 13.00
C TRP B 160 -9.34 0.29 12.31
N ARG B 161 -9.47 -0.77 13.10
CA ARG B 161 -9.52 -2.11 12.53
C ARG B 161 -10.76 -2.31 11.66
N SER B 162 -11.89 -1.72 12.06
CA SER B 162 -13.11 -1.81 11.26
C SER B 162 -13.01 -1.06 9.94
N ARG B 163 -11.98 -0.26 9.72
CA ARG B 163 -11.82 0.48 8.48
C ARG B 163 -10.70 -0.10 7.63
N TYR B 164 -10.31 -1.33 7.91
CA TYR B 164 -9.16 -1.95 7.26
C TYR B 164 -9.37 -2.10 5.76
N PHE B 165 -10.57 -2.47 5.31
CA PHE B 165 -10.86 -2.68 3.90
C PHE B 165 -11.75 -1.58 3.31
N GLU B 166 -11.72 -0.39 3.91
CA GLU B 166 -12.64 0.67 3.53
C GLU B 166 -12.47 1.09 2.07
N THR B 167 -11.28 0.98 1.51
CA THR B 167 -11.09 1.42 0.13
C THR B 167 -11.63 0.43 -0.89
N PHE B 168 -11.97 -0.80 -0.49
CA PHE B 168 -12.45 -1.78 -1.45
C PHE B 168 -13.70 -1.27 -2.19
N ALA B 169 -14.65 -0.67 -1.48
CA ALA B 169 -15.86 -0.17 -2.16
C ALA B 169 -15.54 0.88 -3.21
N PHE B 170 -14.34 1.48 -3.17
CA PHE B 170 -13.94 2.55 -4.07
C PHE B 170 -13.07 2.06 -5.23
N ARG B 171 -12.80 0.74 -5.30
CA ARG B 171 -11.76 0.22 -6.18
C ARG B 171 -12.13 0.31 -7.67
N ASP B 172 -13.41 0.36 -8.06
CA ASP B 172 -13.72 0.61 -9.47
C ASP B 172 -13.34 2.04 -9.87
N ILE B 173 -13.59 3.01 -8.98
CA ILE B 173 -13.17 4.38 -9.26
C ILE B 173 -11.65 4.46 -9.35
N LEU B 174 -10.94 3.85 -8.38
CA LEU B 174 -9.49 3.94 -8.32
C LEU B 174 -8.83 3.23 -9.50
N ASN B 175 -9.35 2.06 -9.88
CA ASN B 175 -8.80 1.35 -11.03
C ASN B 175 -8.99 2.17 -12.31
N ASP B 176 -10.15 2.83 -12.44
CA ASP B 176 -10.39 3.68 -13.60
C ASP B 176 -9.41 4.83 -13.66
N TYR B 177 -9.29 5.60 -12.57
CA TYR B 177 -8.34 6.72 -12.55
C TYR B 177 -6.92 6.26 -12.90
N PHE B 178 -6.53 5.08 -12.40
CA PHE B 178 -5.19 4.57 -12.61
C PHE B 178 -4.91 4.32 -14.08
N THR B 179 -5.83 3.61 -14.76
CA THR B 179 -5.61 3.30 -16.17
C THR B 179 -5.59 4.54 -17.03
N ARG B 180 -6.07 5.67 -16.52
CA ARG B 180 -6.04 6.88 -17.31
C ARG B 180 -4.97 7.84 -16.84
N GLY B 181 -4.07 7.39 -15.97
CA GLY B 181 -2.85 8.12 -15.65
C GLY B 181 -2.66 8.54 -14.20
N ALA B 182 -3.62 8.37 -13.30
CA ALA B 182 -3.40 8.81 -11.93
C ALA B 182 -2.33 7.96 -11.26
N GLU B 183 -1.61 8.57 -10.32
CA GLU B 183 -0.63 7.88 -9.48
C GLU B 183 -1.39 7.35 -8.27
N TRP B 184 -1.72 6.06 -8.29
CA TRP B 184 -2.56 5.40 -7.30
C TRP B 184 -1.66 4.51 -6.45
N ILE B 185 -1.45 4.90 -5.20
CA ILE B 185 -0.49 4.25 -4.33
C ILE B 185 -1.11 4.06 -2.94
N ALA B 186 -0.36 3.42 -2.06
CA ALA B 186 -0.89 3.03 -0.76
C ALA B 186 0.22 3.06 0.29
N ALA B 187 -0.18 3.37 1.51
CA ALA B 187 0.71 3.10 2.62
C ALA B 187 0.72 1.59 2.89
N PRO B 188 1.78 1.09 3.53
CA PRO B 188 1.76 -0.32 3.95
C PRO B 188 0.56 -0.59 4.85
N LYS B 189 -0.22 -1.63 4.51
CA LYS B 189 -1.36 -1.95 5.36
C LYS B 189 -0.85 -2.27 6.77
N PRO B 190 -1.42 -1.66 7.82
CA PRO B 190 -0.90 -1.86 9.18
C PRO B 190 -1.24 -3.22 9.75
N MET B 191 -0.45 -3.62 10.74
CA MET B 191 -0.74 -4.86 11.46
C MET B 191 -1.85 -4.67 12.48
N LEU B 192 -1.91 -3.49 13.11
CA LEU B 192 -2.94 -3.17 14.09
C LEU B 192 -3.07 -4.25 15.15
N SER B 193 -1.93 -4.79 15.59
CA SER B 193 -1.94 -5.65 16.76
C SER B 193 -2.32 -4.83 17.98
N ASP B 194 -2.47 -5.51 19.13
CA ASP B 194 -2.83 -4.77 20.32
C ASP B 194 -1.76 -3.75 20.70
N ASP B 195 -0.55 -3.91 20.17
CA ASP B 195 0.54 -2.94 20.39
C ASP B 195 0.28 -1.62 19.72
N VAL B 196 -0.78 -1.51 18.90
CA VAL B 196 -1.16 -0.22 18.33
C VAL B 196 -1.70 0.75 19.39
N TRP B 197 -2.16 0.25 20.55
CA TRP B 197 -2.68 1.11 21.61
C TRP B 197 -1.70 1.21 22.77
N GLU B 198 -1.74 2.36 23.46
CA GLU B 198 -1.01 2.47 24.72
C GLU B 198 -1.61 1.53 25.76
N LYS B 199 -0.76 0.66 26.32
CA LYS B 199 -1.23 -0.33 27.28
C LYS B 199 -1.63 0.31 28.61
N ASP B 200 -1.02 1.43 28.98
CA ASP B 200 -1.27 2.07 30.28
C ASP B 200 -1.79 3.48 30.03
N PHE B 201 -3.01 3.59 29.55
CA PHE B 201 -3.61 4.86 29.19
C PHE B 201 -4.80 5.14 30.11
N ASP B 202 -4.88 6.34 30.67
CA ASP B 202 -6.02 6.76 31.47
C ASP B 202 -6.81 7.82 30.72
N PHE B 203 -8.15 7.69 30.76
CA PHE B 203 -9.06 8.33 29.82
C PHE B 203 -9.79 9.55 30.37
N GLU B 204 -9.77 9.79 31.67
CA GLU B 204 -10.45 10.98 32.22
C GLU B 204 -9.60 12.27 32.12
N GLN B 205 -8.26 12.18 31.96
CA GLN B 205 -7.40 13.36 31.87
C GLN B 205 -7.23 13.75 30.40
N GLU B 206 -8.31 14.25 29.80
CA GLU B 206 -8.28 14.61 28.38
C GLU B 206 -7.19 15.63 28.05
N PHE B 207 -6.67 16.35 29.04
CA PHE B 207 -5.55 17.27 28.88
C PHE B 207 -4.48 16.98 29.92
N PRO B 208 -3.19 16.96 29.52
CA PRO B 208 -2.73 17.30 28.17
C PRO B 208 -3.04 16.20 27.16
N PHE B 209 -3.01 16.51 25.87
CA PHE B 209 -3.29 15.50 24.86
C PHE B 209 -2.26 14.38 24.93
N ARG B 210 -2.75 13.15 24.96
CA ARG B 210 -1.90 11.97 24.83
C ARG B 210 -2.55 11.03 23.81
N SER B 211 -1.77 10.63 22.81
CA SER B 211 -2.25 9.74 21.76
C SER B 211 -2.65 8.36 22.28
N ILE B 212 -3.83 7.91 21.88
CA ILE B 212 -4.21 6.53 22.16
C ILE B 212 -3.40 5.56 21.30
N ILE B 213 -2.96 5.98 20.14
CA ILE B 213 -2.19 5.07 19.28
C ILE B 213 -0.71 5.34 19.47
N THR B 214 0.10 4.28 19.33
CA THR B 214 1.52 4.29 19.56
C THR B 214 2.25 4.61 18.26
N GLU B 215 3.58 4.57 18.29
CA GLU B 215 4.42 4.84 17.12
C GLU B 215 4.96 3.57 16.48
N VAL B 216 4.24 2.44 16.62
CA VAL B 216 4.77 1.16 16.15
C VAL B 216 4.79 1.10 14.63
N GLU B 217 3.84 1.76 13.96
CA GLU B 217 3.78 1.79 12.50
C GLU B 217 3.16 3.10 12.08
N PRO B 218 3.40 3.55 10.83
CA PRO B 218 2.74 4.77 10.33
C PRO B 218 1.23 4.60 10.28
N LEU B 219 0.52 5.59 10.82
CA LEU B 219 -0.94 5.61 10.77
C LEU B 219 -1.41 7.05 10.60
N PHE B 220 -2.41 7.26 9.74
CA PHE B 220 -3.06 8.56 9.67
C PHE B 220 -4.38 8.46 8.90
N ASP B 221 -5.29 9.36 9.26
CA ASP B 221 -6.52 9.61 8.49
C ASP B 221 -6.29 10.84 7.61
N ALA B 222 -6.77 10.78 6.37
CA ALA B 222 -6.54 11.88 5.44
C ALA B 222 -7.19 13.17 5.92
N ALA B 223 -8.30 13.08 6.65
CA ALA B 223 -9.02 14.26 7.16
C ALA B 223 -8.26 15.01 8.23
N ASP B 224 -7.04 14.62 8.57
CA ASP B 224 -6.19 15.42 9.44
C ASP B 224 -5.30 16.40 8.66
N PHE B 225 -5.52 16.55 7.35
CA PHE B 225 -4.70 17.39 6.46
C PHE B 225 -5.59 18.19 5.53
N MET B 226 -5.22 19.46 5.28
CA MET B 226 -5.89 20.32 4.31
C MET B 226 -4.88 20.82 3.27
N LYS B 227 -5.34 20.95 2.02
CA LYS B 227 -4.46 21.26 0.90
C LYS B 227 -4.43 22.77 0.67
N MET B 228 -3.23 23.34 0.54
CA MET B 228 -3.04 24.73 0.17
C MET B 228 -1.94 24.86 -0.89
N GLY B 229 -2.02 24.01 -1.93
CA GLY B 229 -1.05 24.03 -3.00
C GLY B 229 0.27 23.39 -2.60
N ARG B 230 1.34 24.17 -2.56
CA ARG B 230 2.63 23.66 -2.11
C ARG B 230 2.66 23.44 -0.60
N ASP B 231 1.70 24.00 0.13
CA ASP B 231 1.70 23.91 1.57
C ASP B 231 0.48 23.14 2.02
N ILE B 232 0.68 22.20 2.94
CA ILE B 232 -0.39 21.41 3.54
C ILE B 232 -0.32 21.63 5.05
N ILE B 233 -1.48 21.79 5.67
CA ILE B 233 -1.56 21.97 7.12
C ILE B 233 -2.22 20.75 7.73
N GLY B 234 -1.58 20.19 8.78
CA GLY B 234 -2.08 19.00 9.43
C GLY B 234 -1.93 19.08 10.94
N GLN B 235 -2.35 18.02 11.62
CA GLN B 235 -2.21 17.91 13.06
C GLN B 235 -1.98 16.45 13.42
N ARG B 236 -1.38 16.22 14.58
CA ARG B 236 -1.46 14.90 15.20
C ARG B 236 -2.85 14.71 15.79
N SER B 237 -3.31 13.47 15.84
CA SER B 237 -4.58 13.18 16.47
C SER B 237 -4.58 11.73 16.98
N HIS B 238 -5.69 11.32 17.59
CA HIS B 238 -5.85 9.93 17.98
C HIS B 238 -5.86 8.98 16.79
N ALA B 239 -5.85 9.49 15.56
CA ALA B 239 -5.77 8.66 14.36
C ALA B 239 -4.54 8.94 13.52
N THR B 240 -3.77 9.98 13.84
CA THR B 240 -2.64 10.39 13.03
C THR B 240 -1.42 10.52 13.93
N ASN B 241 -0.43 9.66 13.73
CA ASN B 241 0.72 9.62 14.62
C ASN B 241 1.94 10.21 13.90
N LYS B 242 3.06 10.29 14.62
CA LYS B 242 4.23 10.99 14.07
C LYS B 242 4.79 10.26 12.86
N LYS B 243 4.88 8.92 12.95
CA LYS B 243 5.38 8.15 11.83
C LYS B 243 4.50 8.30 10.60
N GLY B 244 3.18 8.47 10.80
CA GLY B 244 2.29 8.66 9.65
C GLY B 244 2.54 9.98 8.94
N ILE B 245 2.71 11.06 9.71
CA ILE B 245 3.02 12.36 9.11
C ILE B 245 4.32 12.27 8.30
N GLU B 246 5.36 11.68 8.88
CA GLU B 246 6.61 11.53 8.12
C GLU B 246 6.39 10.72 6.86
N TRP B 247 5.60 9.66 6.94
CA TRP B 247 5.34 8.87 5.76
C TRP B 247 4.71 9.72 4.65
N LEU B 248 3.71 10.54 5.01
CA LEU B 248 3.07 11.36 3.98
C LEU B 248 4.03 12.45 3.47
N ARG B 249 4.92 12.96 4.32
CA ARG B 249 5.91 13.94 3.86
C ARG B 249 6.83 13.33 2.81
N ARG B 250 7.41 12.17 3.14
CA ARG B 250 8.34 11.51 2.21
C ARG B 250 7.64 11.14 0.90
N THR B 251 6.43 10.61 0.99
CA THR B 251 5.74 10.14 -0.20
C THR B 251 5.38 11.29 -1.14
N LEU B 252 5.00 12.43 -0.57
CA LEU B 252 4.66 13.60 -1.40
C LEU B 252 5.89 14.25 -2.02
N GLY B 253 7.05 14.13 -1.38
CA GLY B 253 8.28 14.66 -1.93
C GLY B 253 8.44 16.14 -1.66
N PRO B 254 9.51 16.72 -2.19
CA PRO B 254 9.87 18.10 -1.83
C PRO B 254 9.06 19.17 -2.54
N ASP B 255 8.19 18.80 -3.48
CA ASP B 255 7.27 19.78 -4.05
C ASP B 255 6.34 20.36 -3.00
N TYR B 256 6.00 19.57 -1.97
CA TYR B 256 5.02 19.94 -0.97
C TYR B 256 5.70 20.07 0.39
N HIS B 257 5.13 20.92 1.25
CA HIS B 257 5.58 21.06 2.63
C HIS B 257 4.39 20.89 3.55
N ILE B 258 4.52 20.01 4.54
CA ILE B 258 3.46 19.77 5.51
C ILE B 258 3.81 20.49 6.81
N HIS B 259 2.95 21.45 7.21
CA HIS B 259 3.10 22.18 8.47
C HIS B 259 2.18 21.56 9.52
N ILE B 260 2.74 21.10 10.63
CA ILE B 260 1.97 20.50 11.72
C ILE B 260 1.78 21.50 12.86
N TYR B 261 0.53 21.68 13.30
CA TYR B 261 0.22 22.54 14.42
C TYR B 261 -0.61 21.78 15.46
N GLU B 262 -0.74 22.39 16.63
CA GLU B 262 -1.42 21.79 17.77
C GLU B 262 -2.56 22.71 18.22
N PHE B 263 -3.74 22.13 18.45
CA PHE B 263 -4.91 22.90 18.82
C PHE B 263 -5.49 22.36 20.12
N ASP B 264 -6.47 23.10 20.66
CA ASP B 264 -7.07 22.84 21.96
C ASP B 264 -8.38 22.06 21.90
N GLU B 265 -8.59 21.27 20.86
CA GLU B 265 -9.77 20.41 20.88
C GLU B 265 -9.52 19.20 21.78
N PRO B 266 -10.44 18.87 22.68
CA PRO B 266 -10.30 17.63 23.46
C PRO B 266 -10.62 16.42 22.60
N ALA B 267 -9.73 15.42 22.67
CA ALA B 267 -9.84 14.17 21.90
C ALA B 267 -10.02 14.45 20.40
N PRO B 268 -9.00 15.00 19.73
CA PRO B 268 -9.15 15.32 18.31
C PRO B 268 -9.06 14.08 17.43
N MET B 269 -9.89 14.04 16.39
CA MET B 269 -9.63 13.09 15.32
C MET B 269 -9.37 13.76 13.99
N HIS B 270 -10.24 14.63 13.51
CA HIS B 270 -9.91 15.26 12.23
C HIS B 270 -9.69 16.75 12.40
N ILE B 271 -9.13 17.38 11.35
CA ILE B 271 -8.83 18.80 11.37
C ILE B 271 -9.92 19.67 10.73
N ASP B 272 -10.89 19.08 10.01
CA ASP B 272 -11.82 19.84 9.18
C ASP B 272 -13.07 20.32 9.93
N THR B 273 -13.02 20.40 11.26
CA THR B 273 -13.92 21.27 12.00
C THR B 273 -13.13 22.29 12.82
N THR B 274 -11.82 22.41 12.57
CA THR B 274 -10.96 23.36 13.25
C THR B 274 -10.39 24.42 12.32
N ILE B 275 -9.80 24.00 11.20
CA ILE B 275 -9.12 24.89 10.26
C ILE B 275 -9.58 24.52 8.86
N LEU B 276 -10.12 25.50 8.13
CA LEU B 276 -10.64 25.27 6.78
C LEU B 276 -10.28 26.44 5.87
N PRO B 277 -9.21 26.34 5.08
CA PRO B 277 -8.92 27.37 4.09
C PRO B 277 -9.99 27.41 3.01
N LEU B 278 -10.57 28.59 2.80
CA LEU B 278 -11.69 28.71 1.87
C LEU B 278 -11.32 29.39 0.56
N ALA B 279 -10.28 30.22 0.56
CA ALA B 279 -9.83 30.92 -0.63
C ALA B 279 -8.42 31.41 -0.35
N PRO B 280 -7.66 31.84 -1.40
CA PRO B 280 -6.39 32.50 -1.13
C PRO B 280 -6.55 33.60 -0.11
N GLY B 281 -5.80 33.51 1.00
CA GLY B 281 -5.82 34.55 2.01
C GLY B 281 -7.02 34.56 2.94
N ARG B 282 -7.92 33.57 2.88
CA ARG B 282 -9.10 33.56 3.74
C ARG B 282 -9.28 32.18 4.34
N VAL B 283 -9.36 32.11 5.65
CA VAL B 283 -9.41 30.82 6.33
C VAL B 283 -10.46 30.87 7.44
N LEU B 284 -11.27 29.82 7.51
CA LEU B 284 -12.25 29.68 8.56
C LEU B 284 -11.60 28.95 9.75
N ILE B 285 -11.50 29.64 10.88
CA ILE B 285 -10.86 29.11 12.08
C ILE B 285 -11.90 29.08 13.21
N ASN B 286 -12.11 27.91 13.79
CA ASN B 286 -12.94 27.72 14.98
C ASN B 286 -12.25 28.40 16.15
N LYS B 287 -12.74 29.58 16.54
CA LYS B 287 -11.98 30.45 17.45
C LYS B 287 -11.78 29.80 18.81
N GLY B 288 -12.77 29.06 19.30
CA GLY B 288 -12.68 28.50 20.63
C GLY B 288 -11.54 27.52 20.82
N TRP B 289 -11.26 26.71 19.79
CA TRP B 289 -10.22 25.68 19.84
C TRP B 289 -8.84 26.17 19.44
N VAL B 290 -8.74 27.33 18.79
CA VAL B 290 -7.46 27.81 18.28
C VAL B 290 -7.02 29.13 18.95
N PRO B 291 -6.56 29.12 20.20
CA PRO B 291 -6.10 30.38 20.81
C PRO B 291 -4.84 30.96 20.20
N GLN B 292 -3.98 30.17 19.56
CA GLN B 292 -2.86 30.69 18.78
C GLN B 292 -3.01 30.23 17.34
N ILE B 293 -3.13 31.18 16.43
CA ILE B 293 -3.31 30.91 15.00
C ILE B 293 -2.00 30.45 14.38
N PRO B 294 -2.02 29.43 13.51
CA PRO B 294 -0.80 29.03 12.80
C PRO B 294 -0.19 30.19 12.02
N ASP B 295 1.14 30.32 12.10
CA ASP B 295 1.84 31.48 11.55
C ASP B 295 1.74 31.59 10.03
N ILE B 296 1.42 30.52 9.31
CA ILE B 296 1.20 30.64 7.87
C ILE B 296 -0.06 31.43 7.55
N PHE B 297 -0.85 31.80 8.56
CA PHE B 297 -2.05 32.58 8.37
C PHE B 297 -1.88 34.02 8.86
N LYS B 298 -0.64 34.47 9.09
CA LYS B 298 -0.42 35.79 9.65
C LYS B 298 -0.97 36.87 8.73
N ASP B 299 -0.86 36.67 7.42
CA ASP B 299 -1.32 37.65 6.46
C ASP B 299 -2.68 37.30 5.87
N TRP B 300 -3.39 36.34 6.46
CA TRP B 300 -4.68 35.89 5.97
C TRP B 300 -5.81 36.55 6.75
N GLU B 301 -6.94 36.76 6.06
CA GLU B 301 -8.17 37.15 6.75
C GLU B 301 -8.73 35.95 7.47
N ILE B 302 -9.15 36.14 8.73
CA ILE B 302 -9.56 35.04 9.59
C ILE B 302 -11.04 35.17 9.91
N LEU B 303 -11.82 34.19 9.46
CA LEU B 303 -13.26 34.17 9.66
C LEU B 303 -13.61 33.21 10.79
N ASN B 304 -14.26 33.73 11.83
CA ASN B 304 -14.69 32.91 12.95
C ASN B 304 -16.15 32.54 12.77
N PRO B 305 -16.47 31.25 12.61
CA PRO B 305 -17.87 30.88 12.39
C PRO B 305 -18.68 31.06 13.65
N PRO B 306 -19.97 31.39 13.54
CA PRO B 306 -20.84 31.39 14.70
C PRO B 306 -21.21 29.97 15.10
N ALA B 307 -21.84 29.84 16.27
CA ALA B 307 -22.12 28.54 16.85
C ALA B 307 -23.23 27.83 16.05
N SER B 308 -23.43 26.55 16.38
CA SER B 308 -24.34 25.74 15.59
C SER B 308 -25.79 26.06 15.95
N ASN B 309 -26.66 25.75 15.02
CA ASN B 309 -28.08 26.01 15.15
C ASN B 309 -28.90 24.78 15.55
N LEU B 310 -28.30 23.59 15.51
CA LEU B 310 -29.02 22.37 15.84
C LEU B 310 -29.50 22.39 17.29
N PRO B 311 -30.67 21.84 17.57
CA PRO B 311 -31.13 21.77 18.95
C PRO B 311 -30.29 20.75 19.72
N ASP B 312 -30.31 20.89 21.05
CA ASP B 312 -29.49 20.05 21.92
C ASP B 312 -29.82 18.57 21.75
N ASP B 313 -31.07 18.29 21.44
CA ASP B 313 -31.64 16.96 21.34
C ASP B 313 -31.22 16.20 20.08
N HIS B 314 -30.59 16.87 19.13
CA HIS B 314 -30.29 16.24 17.86
C HIS B 314 -29.12 15.27 18.03
N PRO B 315 -29.28 14.01 17.65
CA PRO B 315 -28.20 13.02 17.90
C PRO B 315 -26.95 13.31 17.09
N LEU B 316 -25.80 13.28 17.76
CA LEU B 316 -24.49 13.40 17.13
C LEU B 316 -23.65 12.28 17.72
N TYR B 317 -23.42 11.22 16.93
CA TYR B 317 -22.73 10.04 17.47
C TYR B 317 -21.23 10.30 17.63
N MET B 318 -20.60 11.00 16.69
CA MET B 318 -19.17 10.92 16.48
C MET B 318 -18.58 12.28 16.12
N SER B 319 -18.92 13.30 16.87
CA SER B 319 -18.46 14.65 16.51
C SER B 319 -18.80 15.56 17.66
N SER B 320 -18.36 16.81 17.53
CA SER B 320 -18.83 17.87 18.41
C SER B 320 -20.02 18.58 17.78
N ASN B 321 -20.50 19.62 18.45
CA ASN B 321 -21.49 20.53 17.89
C ASN B 321 -20.85 21.63 17.05
N TRP B 322 -19.64 21.39 16.50
CA TRP B 322 -19.06 22.25 15.49
C TRP B 322 -19.06 21.60 14.12
N ILE B 323 -19.81 20.51 13.96
CA ILE B 323 -19.81 19.73 12.72
C ILE B 323 -20.29 20.56 11.54
N HIS B 324 -20.97 21.69 11.79
CA HIS B 324 -21.48 22.52 10.72
C HIS B 324 -20.44 23.37 10.04
N THR B 325 -19.21 23.46 10.56
CA THR B 325 -18.17 24.17 9.85
C THR B 325 -17.47 23.31 8.79
N ASN B 326 -17.76 22.03 8.73
CA ASN B 326 -17.13 21.10 7.79
C ASN B 326 -17.74 21.31 6.41
N VAL B 327 -17.45 22.45 5.83
CA VAL B 327 -18.09 22.84 4.57
C VAL B 327 -17.23 22.43 3.38
N LEU B 328 -17.79 22.58 2.18
CA LEU B 328 -17.14 22.20 0.92
C LEU B 328 -17.18 23.38 -0.03
N MET B 329 -16.03 23.71 -0.62
CA MET B 329 -15.94 24.79 -1.59
C MET B 329 -16.00 24.24 -3.01
N LEU B 330 -16.88 24.82 -3.84
CA LEU B 330 -16.91 24.49 -5.25
C LEU B 330 -16.05 25.43 -6.09
N ASP B 331 -15.79 26.64 -5.58
CA ASP B 331 -14.79 27.56 -6.10
C ASP B 331 -14.52 28.58 -5.00
N GLU B 332 -13.71 29.60 -5.31
CA GLU B 332 -13.28 30.54 -4.27
C GLU B 332 -14.44 31.29 -3.61
N LYS B 333 -15.61 31.34 -4.26
CA LYS B 333 -16.70 32.17 -3.78
C LYS B 333 -17.99 31.39 -3.59
N THR B 334 -17.96 30.06 -3.62
CA THR B 334 -19.17 29.24 -3.57
C THR B 334 -18.98 28.15 -2.54
N VAL B 335 -19.89 28.08 -1.58
CA VAL B 335 -19.74 27.16 -0.47
C VAL B 335 -21.07 26.47 -0.23
N ILE B 336 -20.99 25.18 0.06
CA ILE B 336 -22.17 24.38 0.38
C ILE B 336 -22.27 24.32 1.89
N VAL B 337 -23.42 24.71 2.44
CA VAL B 337 -23.61 24.72 3.90
C VAL B 337 -24.97 24.12 4.25
N GLU B 338 -25.02 23.49 5.41
CA GLU B 338 -26.22 22.84 5.92
C GLU B 338 -27.36 23.84 6.03
N GLU B 339 -28.54 23.46 5.52
CA GLU B 339 -29.56 24.44 5.20
C GLU B 339 -30.19 25.08 6.43
N ASP B 340 -30.09 24.46 7.60
CA ASP B 340 -30.71 25.00 8.81
C ASP B 340 -29.76 25.82 9.66
N GLU B 341 -28.53 26.04 9.20
CA GLU B 341 -27.52 26.74 9.99
C GLU B 341 -27.61 28.24 9.72
N GLU B 342 -28.71 28.81 10.19
CA GLU B 342 -29.09 30.19 9.86
C GLU B 342 -27.95 31.17 10.13
N ALA B 343 -27.38 31.12 11.34
CA ALA B 343 -26.32 32.05 11.70
C ALA B 343 -25.14 31.97 10.74
N LEU B 344 -24.63 30.76 10.51
CA LEU B 344 -23.45 30.62 9.66
C LEU B 344 -23.76 30.95 8.20
N ILE B 345 -24.92 30.50 7.69
CA ILE B 345 -25.39 30.90 6.36
C ILE B 345 -25.30 32.41 6.20
N SER B 346 -25.81 33.14 7.21
CA SER B 346 -25.75 34.59 7.15
C SER B 346 -24.31 35.10 7.24
N ALA B 347 -23.47 34.46 8.03
CA ALA B 347 -22.08 34.89 8.11
C ALA B 347 -21.39 34.78 6.76
N PHE B 348 -21.54 33.62 6.10
CA PHE B 348 -20.93 33.43 4.77
C PHE B 348 -21.36 34.52 3.79
N ARG B 349 -22.64 34.93 3.82
CA ARG B 349 -23.11 35.99 2.91
C ARG B 349 -22.49 37.32 3.25
N GLN B 350 -22.40 37.66 4.53
CA GLN B 350 -21.70 38.87 4.93
C GLN B 350 -20.26 38.87 4.45
N TRP B 351 -19.63 37.68 4.42
CA TRP B 351 -18.22 37.54 4.03
C TRP B 351 -18.01 37.54 2.53
N GLY B 352 -19.09 37.53 1.73
CA GLY B 352 -18.96 37.59 0.30
C GLY B 352 -18.94 36.24 -0.40
N PHE B 353 -19.60 35.23 0.15
CA PHE B 353 -19.65 33.90 -0.46
C PHE B 353 -21.06 33.59 -0.91
N LYS B 354 -21.19 33.01 -2.11
CA LYS B 354 -22.44 32.40 -2.49
C LYS B 354 -22.62 31.10 -1.71
N THR B 355 -23.81 30.91 -1.14
CA THR B 355 -24.11 29.73 -0.32
C THR B 355 -25.09 28.85 -1.08
N ILE B 356 -24.71 27.60 -1.30
CA ILE B 356 -25.62 26.59 -1.78
C ILE B 356 -26.07 25.79 -0.56
N LEU B 357 -27.37 25.75 -0.31
CA LEU B 357 -27.86 25.07 0.88
C LEU B 357 -28.25 23.63 0.55
N CYS B 358 -28.05 22.73 1.53
CA CYS B 358 -28.38 21.33 1.41
C CYS B 358 -28.76 20.78 2.78
N PRO B 359 -29.79 19.97 2.90
CA PRO B 359 -30.09 19.38 4.19
C PRO B 359 -29.01 18.37 4.46
N PHE B 360 -28.40 18.38 5.62
CA PHE B 360 -27.34 17.47 5.95
C PHE B 360 -27.19 17.09 7.40
N LYS B 361 -28.08 17.53 8.24
CA LYS B 361 -28.02 17.25 9.66
C LYS B 361 -28.08 15.79 10.10
N HIS B 362 -28.80 14.98 9.36
CA HIS B 362 -29.11 13.62 9.55
C HIS B 362 -27.85 12.88 9.17
N PHE B 363 -27.19 13.31 8.11
CA PHE B 363 -25.89 12.75 7.78
C PHE B 363 -24.85 13.13 8.84
N GLN B 364 -24.88 14.37 9.31
CA GLN B 364 -23.94 14.84 10.32
C GLN B 364 -23.99 14.03 11.61
N THR B 365 -25.08 13.31 11.83
CA THR B 365 -25.19 12.46 13.01
C THR B 365 -24.14 11.37 13.00
N PHE B 366 -23.67 10.97 11.82
CA PHE B 366 -22.75 9.86 11.69
C PHE B 366 -21.30 10.31 11.54
N GLY B 367 -20.98 11.55 11.94
CA GLY B 367 -19.61 11.98 12.11
C GLY B 367 -19.05 12.90 11.05
N GLY B 368 -19.80 13.31 10.08
CA GLY B 368 -19.28 14.20 9.08
C GLY B 368 -20.26 15.06 8.33
N SER B 369 -19.80 16.13 7.76
CA SER B 369 -20.63 16.98 6.96
C SER B 369 -19.99 17.02 5.58
N PHE B 370 -20.45 17.88 4.71
CA PHE B 370 -19.97 17.94 3.35
C PHE B 370 -18.50 17.66 3.02
N HIS B 371 -17.58 18.21 3.74
CA HIS B 371 -16.16 17.97 3.45
C HIS B 371 -15.79 16.50 3.70
N CYS B 372 -16.22 15.93 4.83
CA CYS B 372 -15.92 14.53 5.12
C CYS B 372 -16.58 13.59 4.11
N ALA B 373 -17.77 13.96 3.63
CA ALA B 373 -18.59 13.15 2.74
C ALA B 373 -18.02 13.03 1.33
N THR B 374 -16.96 13.78 1.02
CA THR B 374 -16.50 13.95 -0.36
C THR B 374 -14.98 13.84 -0.43
N LEU B 375 -14.47 13.69 -1.65
CA LEU B 375 -13.05 13.83 -1.94
C LEU B 375 -12.92 14.56 -3.28
N ASP B 376 -12.35 15.76 -3.26
CA ASP B 376 -12.10 16.50 -4.49
C ASP B 376 -10.91 15.87 -5.20
N VAL B 377 -11.15 15.26 -6.36
CA VAL B 377 -10.07 14.61 -7.10
C VAL B 377 -9.57 15.46 -8.26
N LYS B 378 -10.33 16.45 -8.70
CA LYS B 378 -9.91 17.32 -9.79
C LYS B 378 -10.48 18.71 -9.59
N ARG B 379 -9.59 19.69 -9.48
CA ARG B 379 -9.95 21.10 -9.54
C ARG B 379 -9.01 21.78 -10.53
N SER B 380 -9.52 22.79 -11.22
CA SER B 380 -8.72 23.43 -12.26
C SER B 380 -7.73 24.38 -11.61
N GLY B 381 -6.51 24.37 -12.10
CA GLY B 381 -5.46 25.22 -11.59
C GLY B 381 -4.14 24.50 -11.60
N SER B 382 -3.08 25.25 -11.32
CA SER B 382 -1.75 24.70 -11.27
C SER B 382 -1.23 24.75 -9.84
N LEU B 383 -0.06 24.17 -9.64
CA LEU B 383 0.56 24.15 -8.32
C LEU B 383 1.20 25.51 -8.05
N LYS B 384 0.73 26.19 -7.02
CA LYS B 384 1.18 27.53 -6.67
C LYS B 384 1.46 27.61 -5.18
N SER B 385 1.88 28.77 -4.73
CA SER B 385 2.12 29.08 -3.34
C SER B 385 1.18 30.20 -2.92
N TYR B 386 0.56 30.06 -1.74
CA TYR B 386 -0.38 31.04 -1.22
C TYR B 386 0.06 31.62 0.12
N ILE B 387 1.34 31.48 0.45
CA ILE B 387 1.85 31.77 1.78
C ILE B 387 3.07 32.69 1.68
C1 EDO C . 9.40 10.18 15.78
O1 EDO C . 9.26 11.05 16.92
C2 EDO C . 8.40 9.02 15.77
O2 EDO C . 8.76 8.01 16.72
C1 EDO D . 7.42 1.16 -22.62
O1 EDO D . 7.49 2.58 -22.39
C2 EDO D . 7.49 0.78 -24.10
O2 EDO D . 8.81 1.00 -24.65
C1 EDO E . 10.21 21.97 8.77
O1 EDO E . 9.67 21.42 9.98
C2 EDO E . 10.75 20.87 7.85
O2 EDO E . 9.74 19.90 7.55
#